data_9MHA
#
_entry.id   9MHA
#
_cell.length_a   1.00
_cell.length_b   1.00
_cell.length_c   1.00
_cell.angle_alpha   90.00
_cell.angle_beta   90.00
_cell.angle_gamma   90.00
#
_symmetry.space_group_name_H-M   'P 1'
#
loop_
_entity.id
_entity.type
_entity.pdbx_description
1 polymer GP2
2 polymer 'Envelope glycoprotein,GP1'
3 branched beta-D-mannopyranose-(1-4)-2-acetamido-2-deoxy-beta-D-glucopyranose-(1-4)-2-acetamido-2-deoxy-beta-D-glucopyranose
#
loop_
_entity_poly.entity_id
_entity_poly.type
_entity_poly.pdbx_seq_one_letter_code
_entity_poly.pdbx_strand_id
1 'polypeptide(L)'
;EAIVNAQPKCNPNLHYWTTQDEGAAIGLAWIPYFGPAAEGIYIEGLMHNQDGLICGLRQLANETTQALQLFLRATTELRT
FSILNRKAIDFLLQRWGGTCHILGPDCCIEPHDWTKNITDKIDQIIHDFVDGSGYIPEAPRDGQAYVRKDGEWVLLSTFL
GTHHHHHH
;
C,E,F
2 'polypeptide(L)'
;GSSIPLGVIHNSALQVSDVDKLVCRDKLSSTNQLRSVGLNLEGNGVATDVPSATKRWGFRSGVPPKVVNYEAGEWAENCY
NLEIKKPDGSECLPAAPDGIRGFPRCRYVHKVSGTGPCAGDFAFHKEGAFFLYDRLASTVIYRGTTFAEGVVAFLILPQA
KKDFFSSHPLREPVNATEDPSSGYYSTTIRYQATGFGTNETEYLFEVDNLTYVQLESRFTPQFLLQLNETIYTSGKRSNT
TGKLIWKVNPEIDTTIGEWAFWETKKNLTRKIRSEELSFTVVSTHHQDTGEESASSGKLGLITNTIAGVAGLITGGRRTR
R
;
A,B,D
#
# COMPACT_ATOMS: atom_id res chain seq x y z
N ALA A 2 20.61 16.13 -25.38
CA ALA A 2 21.08 15.65 -24.04
C ALA A 2 21.34 14.15 -24.07
N ILE A 3 20.27 13.36 -24.01
CA ILE A 3 20.40 11.91 -24.07
C ILE A 3 20.76 11.49 -25.48
N VAL A 4 21.68 10.55 -25.61
CA VAL A 4 22.12 10.04 -26.89
C VAL A 4 21.93 8.53 -26.91
N ASN A 5 21.33 8.02 -27.98
CA ASN A 5 21.06 6.59 -28.08
C ASN A 5 22.36 5.82 -28.31
N ALA A 6 22.56 4.78 -27.51
CA ALA A 6 23.72 3.92 -27.65
C ALA A 6 23.36 2.50 -28.09
N GLN A 7 22.07 2.17 -28.16
CA GLN A 7 21.67 0.82 -28.46
C GLN A 7 21.99 0.48 -29.92
N PRO A 8 22.20 -0.81 -30.23
CA PRO A 8 22.54 -1.16 -31.62
C PRO A 8 21.45 -0.77 -32.62
N LYS A 9 20.19 -0.85 -32.24
CA LYS A 9 19.08 -0.41 -33.08
C LYS A 9 18.05 0.29 -32.21
N CYS A 10 17.32 1.21 -32.82
CA CYS A 10 16.32 1.97 -32.07
C CYS A 10 15.07 2.11 -32.94
N ASN A 11 13.97 1.52 -32.50
CA ASN A 11 12.72 1.59 -33.25
C ASN A 11 12.09 2.97 -33.07
N PRO A 12 11.82 3.73 -34.14
CA PRO A 12 11.33 5.10 -33.97
C PRO A 12 9.86 5.22 -33.65
N ASN A 13 9.04 4.22 -33.97
CA ASN A 13 7.61 4.28 -33.69
C ASN A 13 7.33 3.74 -32.30
N LEU A 14 6.15 4.08 -31.77
CA LEU A 14 5.75 3.61 -30.45
C LEU A 14 4.23 3.49 -30.42
N HIS A 15 3.74 2.25 -30.41
CA HIS A 15 2.33 1.97 -30.15
C HIS A 15 2.14 1.82 -28.65
N TYR A 16 1.15 2.51 -28.09
CA TYR A 16 0.89 2.48 -26.66
C TYR A 16 -0.51 1.94 -26.37
N TRP A 17 -0.72 1.50 -25.12
CA TRP A 17 -2.04 1.01 -24.70
C TRP A 17 -2.44 1.49 -23.31
N THR A 18 -2.10 2.72 -22.94
CA THR A 18 -2.44 3.26 -21.63
C THR A 18 -3.93 3.08 -21.31
N THR A 19 -4.24 3.04 -20.02
CA THR A 19 -5.62 3.12 -19.56
C THR A 19 -6.01 4.56 -19.32
N GLN A 20 -7.32 4.81 -19.28
CA GLN A 20 -7.87 6.15 -19.11
C GLN A 20 -8.71 6.18 -17.84
N ASP A 21 -8.49 7.21 -17.01
CA ASP A 21 -9.16 7.30 -15.72
C ASP A 21 -10.38 8.21 -15.75
N GLU A 22 -10.49 9.11 -16.73
CA GLU A 22 -11.55 10.10 -16.77
C GLU A 22 -12.35 10.02 -18.07
N GLY A 23 -12.56 8.83 -18.61
CA GLY A 23 -13.30 8.70 -19.85
C GLY A 23 -14.76 9.08 -19.68
N ALA A 24 -15.34 9.61 -20.77
CA ALA A 24 -16.76 9.97 -20.78
C ALA A 24 -17.58 8.73 -21.09
N ALA A 25 -17.85 7.95 -20.03
CA ALA A 25 -18.56 6.70 -20.20
C ALA A 25 -20.02 6.95 -20.55
N ILE A 26 -20.56 6.12 -21.44
CA ILE A 26 -21.98 6.20 -21.77
C ILE A 26 -22.80 5.82 -20.55
N GLY A 27 -24.12 5.96 -20.69
CA GLY A 27 -25.01 5.88 -19.54
C GLY A 27 -24.71 4.74 -18.58
N LEU A 28 -24.61 3.51 -19.10
CA LEU A 28 -24.52 2.32 -18.25
C LEU A 28 -23.17 1.64 -18.29
N ALA A 29 -22.20 2.16 -19.03
CA ALA A 29 -20.92 1.48 -19.18
C ALA A 29 -20.05 1.57 -17.94
N TRP A 30 -20.32 2.50 -17.02
CA TRP A 30 -19.48 2.66 -15.85
C TRP A 30 -19.77 1.63 -14.77
N ILE A 31 -20.91 0.96 -14.82
CA ILE A 31 -21.26 -0.07 -13.85
C ILE A 31 -20.42 -1.30 -14.15
N PRO A 32 -19.73 -1.88 -13.16
CA PRO A 32 -18.92 -3.06 -13.45
C PRO A 32 -19.72 -4.22 -14.02
N TYR A 33 -20.97 -4.39 -13.61
CA TYR A 33 -21.77 -5.50 -14.12
C TYR A 33 -22.00 -5.38 -15.62
N PHE A 34 -21.95 -4.17 -16.17
CA PHE A 34 -22.17 -3.94 -17.59
C PHE A 34 -20.92 -3.53 -18.35
N GLY A 35 -19.85 -3.14 -17.65
CA GLY A 35 -18.69 -2.60 -18.29
C GLY A 35 -17.89 -3.66 -19.02
N PRO A 36 -16.85 -3.22 -19.71
CA PRO A 36 -16.03 -4.17 -20.47
C PRO A 36 -15.17 -5.04 -19.57
N ALA A 37 -14.79 -6.19 -20.10
CA ALA A 37 -13.90 -7.10 -19.39
C ALA A 37 -12.53 -6.47 -19.22
N ALA A 38 -11.65 -7.17 -18.51
CA ALA A 38 -10.32 -6.65 -18.23
C ALA A 38 -9.51 -6.44 -19.50
N GLU A 39 -9.88 -7.10 -20.61
CA GLU A 39 -9.14 -6.96 -21.85
C GLU A 39 -9.60 -5.78 -22.70
N GLY A 40 -10.66 -5.08 -22.28
CA GLY A 40 -11.22 -3.98 -23.04
C GLY A 40 -11.16 -2.63 -22.38
N ILE A 41 -10.32 -2.43 -21.37
CA ILE A 41 -10.24 -1.14 -20.70
C ILE A 41 -9.12 -0.25 -21.22
N TYR A 42 -8.47 -0.62 -22.32
CA TYR A 42 -7.32 0.11 -22.82
C TYR A 42 -7.66 0.99 -24.01
N ILE A 43 -6.86 2.03 -24.21
CA ILE A 43 -6.94 2.91 -25.36
C ILE A 43 -5.60 2.90 -26.08
N GLU A 44 -5.63 2.91 -27.42
CA GLU A 44 -4.46 2.68 -28.23
C GLU A 44 -4.24 3.82 -29.22
N GLY A 45 -2.98 4.10 -29.53
CA GLY A 45 -2.62 5.15 -30.48
C GLY A 45 -1.16 5.05 -30.84
N LEU A 46 -0.77 5.84 -31.85
CA LEU A 46 0.55 5.76 -32.46
C LEU A 46 1.21 7.14 -32.46
N MET A 47 2.44 7.21 -31.94
CA MET A 47 3.24 8.44 -31.98
C MET A 47 4.11 8.45 -33.24
N HIS A 48 3.46 8.68 -34.38
CA HIS A 48 4.09 8.41 -35.68
C HIS A 48 5.39 9.17 -35.85
N ASN A 49 6.44 8.43 -36.20
CA ASN A 49 7.70 8.95 -36.72
C ASN A 49 8.30 10.07 -35.88
N GLN A 50 8.01 10.14 -34.58
CA GLN A 50 8.67 11.10 -33.71
C GLN A 50 9.94 10.49 -33.13
N ASP A 51 10.94 10.34 -34.01
CA ASP A 51 12.19 9.70 -33.62
C ASP A 51 12.92 10.49 -32.53
N GLY A 52 12.93 11.82 -32.64
CA GLY A 52 13.71 12.64 -31.72
C GLY A 52 13.37 12.45 -30.26
N LEU A 53 12.12 12.10 -29.96
CA LEU A 53 11.72 11.86 -28.57
C LEU A 53 11.76 10.37 -28.21
N ILE A 54 11.29 9.52 -29.13
CA ILE A 54 11.16 8.10 -28.80
C ILE A 54 12.54 7.46 -28.63
N CYS A 55 13.52 7.87 -29.44
CA CYS A 55 14.87 7.34 -29.24
C CYS A 55 15.41 7.73 -27.89
N GLY A 56 15.20 8.98 -27.48
CA GLY A 56 15.67 9.40 -26.17
C GLY A 56 14.94 8.70 -25.05
N LEU A 57 13.65 8.42 -25.24
CA LEU A 57 12.87 7.79 -24.19
C LEU A 57 13.35 6.36 -23.94
N ARG A 58 13.71 5.64 -25.00
CA ARG A 58 14.23 4.29 -24.83
C ARG A 58 15.54 4.29 -24.07
N GLN A 59 16.43 5.24 -24.38
CA GLN A 59 17.72 5.28 -23.72
C GLN A 59 17.60 5.60 -22.24
N LEU A 60 16.67 6.50 -21.88
CA LEU A 60 16.49 6.84 -20.48
C LEU A 60 16.08 5.61 -19.68
N ALA A 61 15.25 4.75 -20.26
CA ALA A 61 14.82 3.54 -19.57
C ALA A 61 16.01 2.61 -19.29
N ASN A 62 16.92 2.48 -20.26
CA ASN A 62 18.09 1.63 -20.07
C ASN A 62 18.96 2.13 -18.92
N GLU A 63 18.92 3.44 -18.66
CA GLU A 63 19.73 4.00 -17.58
C GLU A 63 18.97 4.05 -16.25
N THR A 64 17.65 3.98 -16.27
CA THR A 64 16.89 4.07 -15.02
C THR A 64 16.84 2.73 -14.30
N THR A 65 17.20 1.63 -14.97
CA THR A 65 17.11 0.31 -14.33
C THR A 65 18.04 0.24 -13.12
N GLN A 66 19.26 0.76 -13.24
CA GLN A 66 20.22 0.64 -12.14
C GLN A 66 19.69 1.28 -10.87
N ALA A 67 19.22 2.52 -10.97
CA ALA A 67 18.70 3.21 -9.79
C ALA A 67 17.46 2.53 -9.26
N LEU A 68 16.57 2.10 -10.15
CA LEU A 68 15.29 1.55 -9.73
C LEU A 68 15.47 0.24 -8.97
N GLN A 69 16.35 -0.65 -9.47
CA GLN A 69 16.50 -1.95 -8.84
C GLN A 69 17.25 -1.87 -7.52
N LEU A 70 18.22 -0.96 -7.40
CA LEU A 70 18.83 -0.74 -6.11
C LEU A 70 17.82 -0.22 -5.10
N PHE A 71 16.84 0.57 -5.57
CA PHE A 71 15.78 1.03 -4.70
C PHE A 71 14.88 -0.11 -4.26
N LEU A 72 14.50 -0.98 -5.20
CA LEU A 72 13.63 -2.10 -4.85
C LEU A 72 14.32 -3.05 -3.88
N ARG A 73 15.63 -3.17 -3.97
CA ARG A 73 16.35 -4.05 -3.05
C ARG A 73 16.19 -3.60 -1.61
N ALA A 74 16.02 -2.30 -1.38
CA ALA A 74 15.97 -1.77 -0.03
C ALA A 74 14.58 -1.89 0.59
N THR A 75 13.53 -1.69 -0.19
CA THR A 75 12.18 -1.62 0.36
C THR A 75 11.69 -2.99 0.81
N THR A 76 10.82 -2.97 1.82
CA THR A 76 10.15 -4.18 2.29
C THR A 76 8.85 -4.46 1.57
N GLU A 77 8.32 -3.48 0.84
CA GLU A 77 7.04 -3.67 0.17
C GLU A 77 7.17 -4.73 -0.93
N LEU A 78 6.17 -5.60 -1.01
CA LEU A 78 6.12 -6.56 -2.09
C LEU A 78 5.76 -5.90 -3.41
N ARG A 79 4.84 -4.95 -3.38
CA ARG A 79 4.43 -4.18 -4.55
C ARG A 79 4.56 -2.70 -4.23
N THR A 80 5.21 -1.96 -5.12
CA THR A 80 5.51 -0.55 -4.92
C THR A 80 4.64 0.29 -5.85
N PHE A 81 3.96 1.29 -5.28
CA PHE A 81 3.12 2.20 -6.05
C PHE A 81 3.42 3.66 -5.78
N SER A 82 4.36 3.97 -4.89
CA SER A 82 4.51 5.32 -4.34
C SER A 82 5.65 6.12 -4.96
N ILE A 83 6.34 5.60 -5.97
CA ILE A 83 7.55 6.28 -6.45
C ILE A 83 7.22 7.67 -6.95
N LEU A 84 6.14 7.80 -7.73
CA LEU A 84 5.79 9.11 -8.28
C LEU A 84 5.29 10.06 -7.19
N ASN A 85 4.52 9.57 -6.22
CA ASN A 85 4.04 10.44 -5.16
C ASN A 85 5.19 11.00 -4.34
N ARG A 86 6.18 10.16 -4.02
CA ARG A 86 7.32 10.66 -3.23
C ARG A 86 8.06 11.74 -4.00
N LYS A 87 8.20 11.58 -5.31
CA LYS A 87 8.89 12.59 -6.10
C LYS A 87 8.09 13.89 -6.14
N ALA A 88 6.77 13.79 -6.12
CA ALA A 88 5.94 14.99 -6.00
C ALA A 88 6.18 15.69 -4.66
N ILE A 89 6.26 14.92 -3.58
CA ILE A 89 6.51 15.52 -2.27
C ILE A 89 7.90 16.14 -2.24
N ASP A 90 8.89 15.45 -2.80
CA ASP A 90 10.24 15.99 -2.80
C ASP A 90 10.35 17.25 -3.64
N PHE A 91 9.54 17.36 -4.69
CA PHE A 91 9.52 18.60 -5.47
C PHE A 91 9.02 19.76 -4.63
N LEU A 92 7.94 19.55 -3.88
CA LEU A 92 7.38 20.62 -3.06
C LEU A 92 8.34 21.01 -1.94
N LEU A 93 8.90 20.02 -1.26
CA LEU A 93 9.77 20.31 -0.12
C LEU A 93 11.00 21.10 -0.55
N GLN A 94 11.58 20.76 -1.70
CA GLN A 94 12.78 21.46 -2.16
C GLN A 94 12.52 22.90 -2.55
N ARG A 95 11.27 23.27 -2.78
CA ARG A 95 10.92 24.66 -3.07
C ARG A 95 10.80 25.42 -1.75
N TRP A 96 11.91 25.38 -1.00
CA TRP A 96 12.04 26.04 0.29
C TRP A 96 13.14 27.08 0.24
N ALA B 2 -25.78 24.46 -4.33
CA ALA B 2 -25.34 23.80 -5.59
C ALA B 2 -26.00 22.43 -5.73
N ILE B 3 -25.75 21.55 -4.76
CA ILE B 3 -26.35 20.23 -4.77
C ILE B 3 -27.83 20.36 -4.47
N VAL B 4 -28.64 19.56 -5.15
CA VAL B 4 -30.08 19.49 -4.89
C VAL B 4 -30.48 18.02 -4.87
N ASN B 5 -31.22 17.64 -3.83
CA ASN B 5 -31.62 16.25 -3.67
C ASN B 5 -32.61 15.83 -4.76
N ALA B 6 -32.38 14.66 -5.34
CA ALA B 6 -33.27 14.10 -6.34
C ALA B 6 -33.85 12.75 -5.94
N GLN B 7 -33.41 12.19 -4.81
CA GLN B 7 -33.84 10.86 -4.43
C GLN B 7 -35.31 10.88 -4.02
N PRO B 8 -36.02 9.76 -4.16
CA PRO B 8 -37.43 9.75 -3.78
C PRO B 8 -37.67 10.10 -2.32
N LYS B 9 -36.78 9.70 -1.42
CA LYS B 9 -36.86 10.07 -0.01
C LYS B 9 -35.46 10.38 0.49
N CYS B 10 -35.38 11.23 1.51
CA CYS B 10 -34.07 11.63 2.06
C CYS B 10 -34.20 11.69 3.57
N ASN B 11 -33.52 10.78 4.25
CA ASN B 11 -33.54 10.72 5.71
C ASN B 11 -32.72 11.87 6.27
N PRO B 12 -33.31 12.76 7.08
CA PRO B 12 -32.54 13.94 7.54
C PRO B 12 -31.52 13.65 8.62
N ASN B 13 -31.75 12.66 9.48
CA ASN B 13 -30.83 12.33 10.55
C ASN B 13 -29.68 11.49 10.03
N LEU B 14 -28.58 11.46 10.78
CA LEU B 14 -27.41 10.66 10.42
C LEU B 14 -26.74 10.18 11.71
N HIS B 15 -27.04 8.93 12.09
CA HIS B 15 -26.36 8.28 13.21
C HIS B 15 -25.04 7.73 12.68
N TYR B 16 -23.94 8.33 13.09
CA TYR B 16 -22.64 7.98 12.54
C TYR B 16 -21.82 7.19 13.56
N TRP B 17 -20.87 6.43 13.04
CA TRP B 17 -19.84 5.80 13.87
C TRP B 17 -18.50 6.03 13.20
N THR B 18 -17.46 6.19 14.02
CA THR B 18 -16.12 6.43 13.51
C THR B 18 -15.13 5.99 14.57
N THR B 19 -13.86 5.92 14.16
CA THR B 19 -12.78 5.49 15.03
C THR B 19 -11.86 6.66 15.30
N GLN B 20 -11.67 6.98 16.59
CA GLN B 20 -10.78 8.06 16.99
C GLN B 20 -9.37 7.52 17.20
N ASP B 21 -8.38 8.26 16.71
CA ASP B 21 -6.98 7.90 16.88
C ASP B 21 -6.19 8.90 17.70
N GLU B 22 -6.74 10.08 17.96
CA GLU B 22 -6.02 11.12 18.68
C GLU B 22 -6.16 10.92 20.19
N GLY B 23 -5.28 11.60 20.93
CA GLY B 23 -5.34 11.60 22.37
C GLY B 23 -4.66 10.43 23.03
N ALA B 24 -4.94 10.22 24.31
CA ALA B 24 -4.34 9.15 25.09
C ALA B 24 -5.46 8.40 25.81
N ALA B 25 -5.28 7.09 25.96
CA ALA B 25 -6.30 6.26 26.59
C ALA B 25 -6.14 6.27 28.11
N ILE B 26 -7.11 5.67 28.78
CA ILE B 26 -7.10 5.61 30.23
C ILE B 26 -6.15 4.51 30.68
N GLY B 27 -5.07 4.90 31.33
CA GLY B 27 -4.17 3.92 31.94
C GLY B 27 -3.62 2.94 30.93
N LEU B 28 -3.84 1.65 31.17
CA LEU B 28 -3.28 0.59 30.36
C LEU B 28 -4.10 0.27 29.13
N ALA B 29 -5.19 0.99 28.88
CA ALA B 29 -6.09 0.63 27.79
C ALA B 29 -5.45 0.73 26.42
N TRP B 30 -4.33 1.42 26.28
CA TRP B 30 -3.70 1.54 24.97
C TRP B 30 -2.91 0.30 24.57
N ILE B 31 -2.60 -0.57 25.52
CA ILE B 31 -1.87 -1.80 25.23
C ILE B 31 -2.83 -2.76 24.52
N PRO B 32 -2.47 -3.33 23.38
CA PRO B 32 -3.41 -4.22 22.69
C PRO B 32 -3.88 -5.39 23.54
N TYR B 33 -3.00 -5.94 24.39
CA TYR B 33 -3.38 -7.07 25.21
C TYR B 33 -4.51 -6.75 26.18
N PHE B 34 -4.67 -5.47 26.54
CA PHE B 34 -5.73 -5.06 27.45
C PHE B 34 -6.84 -4.27 26.78
N GLY B 35 -6.63 -3.79 25.56
CA GLY B 35 -7.57 -2.93 24.90
C GLY B 35 -8.83 -3.65 24.46
N PRO B 36 -9.80 -2.91 23.97
CA PRO B 36 -11.07 -3.51 23.56
C PRO B 36 -10.94 -4.30 22.28
N ALA B 37 -11.88 -5.23 22.08
CA ALA B 37 -11.91 -6.02 20.87
C ALA B 37 -12.22 -5.12 19.67
N ALA B 38 -12.23 -5.74 18.48
CA ALA B 38 -12.48 -4.98 17.26
C ALA B 38 -13.89 -4.38 17.25
N GLU B 39 -14.81 -4.91 18.04
CA GLU B 39 -16.19 -4.42 18.06
C GLU B 39 -16.39 -3.24 19.00
N GLY B 40 -15.36 -2.83 19.74
CA GLY B 40 -15.53 -1.79 20.73
C GLY B 40 -14.63 -0.58 20.55
N ILE B 41 -14.09 -0.39 19.34
CA ILE B 41 -13.20 0.74 19.10
C ILE B 41 -13.90 1.94 18.47
N TYR B 42 -15.23 1.89 18.32
CA TYR B 42 -15.93 2.96 17.63
C TYR B 42 -16.57 3.93 18.61
N ILE B 43 -16.82 5.14 18.12
CA ILE B 43 -17.54 6.18 18.84
C ILE B 43 -18.73 6.60 17.99
N GLU B 44 -19.81 7.01 18.66
CA GLU B 44 -21.08 7.22 17.98
C GLU B 44 -21.69 8.55 18.36
N GLY B 45 -22.49 9.11 17.46
CA GLY B 45 -23.13 10.38 17.69
C GLY B 45 -24.29 10.57 16.73
N LEU B 46 -24.85 11.77 16.74
CA LEU B 46 -26.03 12.09 15.96
C LEU B 46 -25.98 13.54 15.49
N MET B 47 -26.17 13.75 14.18
CA MET B 47 -26.23 15.09 13.62
C MET B 47 -27.66 15.59 13.64
N HIS B 48 -28.26 15.67 14.83
CA HIS B 48 -29.70 15.81 14.99
C HIS B 48 -30.30 16.86 14.07
N ASN B 49 -31.27 16.44 13.26
CA ASN B 49 -32.19 17.32 12.55
C ASN B 49 -31.48 18.36 11.69
N GLN B 50 -30.25 18.11 11.28
CA GLN B 50 -29.53 19.01 10.37
C GLN B 50 -29.76 18.58 8.92
N ASP B 51 -31.01 18.75 8.48
CA ASP B 51 -31.39 18.28 7.14
C ASP B 51 -30.63 18.99 6.04
N GLY B 52 -30.38 20.30 6.20
CA GLY B 52 -29.76 21.08 5.15
C GLY B 52 -28.40 20.59 4.71
N LEU B 53 -27.69 19.88 5.59
CA LEU B 53 -26.38 19.34 5.25
C LEU B 53 -26.43 17.85 4.92
N ILE B 54 -27.24 17.08 5.66
CA ILE B 54 -27.29 15.64 5.44
C ILE B 54 -27.85 15.33 4.07
N CYS B 55 -28.89 16.05 3.64
CA CYS B 55 -29.44 15.82 2.31
C CYS B 55 -28.39 16.06 1.24
N GLY B 56 -27.49 17.02 1.46
CA GLY B 56 -26.43 17.25 0.49
C GLY B 56 -25.44 16.10 0.42
N LEU B 57 -25.07 15.52 1.56
CA LEU B 57 -24.11 14.42 1.55
C LEU B 57 -24.66 13.24 0.78
N ARG B 58 -25.94 12.93 0.97
CA ARG B 58 -26.52 11.76 0.31
C ARG B 58 -26.52 11.93 -1.21
N GLN B 59 -26.77 13.14 -1.68
CA GLN B 59 -26.77 13.37 -3.12
C GLN B 59 -25.36 13.37 -3.69
N LEU B 60 -24.40 13.94 -2.96
CA LEU B 60 -23.03 13.95 -3.44
C LEU B 60 -22.49 12.53 -3.56
N ALA B 61 -22.80 11.67 -2.60
CA ALA B 61 -22.35 10.28 -2.68
C ALA B 61 -22.92 9.58 -3.90
N ASN B 62 -24.18 9.87 -4.22
CA ASN B 62 -24.80 9.28 -5.40
C ASN B 62 -24.07 9.69 -6.67
N GLU B 63 -23.63 10.95 -6.74
CA GLU B 63 -22.92 11.42 -7.93
C GLU B 63 -21.45 11.01 -7.93
N THR B 64 -20.83 10.91 -6.75
CA THR B 64 -19.41 10.58 -6.70
C THR B 64 -19.14 9.15 -7.13
N THR B 65 -20.16 8.29 -7.15
CA THR B 65 -19.93 6.88 -7.45
C THR B 65 -19.37 6.69 -8.86
N GLN B 66 -19.90 7.43 -9.83
CA GLN B 66 -19.48 7.24 -11.21
C GLN B 66 -17.99 7.47 -11.38
N ALA B 67 -17.49 8.60 -10.88
CA ALA B 67 -16.07 8.88 -11.02
C ALA B 67 -15.22 7.88 -10.26
N LEU B 68 -15.67 7.48 -9.08
CA LEU B 68 -14.89 6.55 -8.27
C LEU B 68 -14.79 5.18 -8.94
N GLN B 69 -15.88 4.70 -9.51
CA GLN B 69 -15.88 3.38 -10.14
C GLN B 69 -14.89 3.32 -11.30
N LEU B 70 -14.88 4.36 -12.15
CA LEU B 70 -13.97 4.39 -13.27
C LEU B 70 -12.52 4.45 -12.79
N PHE B 71 -12.28 5.17 -11.69
CA PHE B 71 -10.94 5.23 -11.12
C PHE B 71 -10.46 3.85 -10.69
N LEU B 72 -11.32 3.10 -9.99
CA LEU B 72 -10.94 1.78 -9.52
C LEU B 72 -10.71 0.83 -10.67
N ARG B 73 -11.40 1.03 -11.80
CA ARG B 73 -11.18 0.19 -12.96
C ARG B 73 -9.76 0.33 -13.48
N ALA B 74 -9.23 1.56 -13.51
CA ALA B 74 -7.88 1.79 -14.02
C ALA B 74 -6.82 1.22 -13.08
N THR B 75 -6.94 1.51 -11.79
CA THR B 75 -5.90 1.12 -10.86
C THR B 75 -5.78 -0.39 -10.78
N THR B 76 -4.55 -0.86 -10.58
CA THR B 76 -4.27 -2.28 -10.42
C THR B 76 -3.98 -2.66 -8.98
N GLU B 77 -4.10 -1.74 -8.05
CA GLU B 77 -3.96 -2.04 -6.63
C GLU B 77 -5.25 -2.63 -6.10
N LEU B 78 -5.15 -3.76 -5.41
CA LEU B 78 -6.34 -4.45 -4.92
C LEU B 78 -7.07 -3.63 -3.88
N ARG B 79 -6.35 -2.99 -2.96
CA ARG B 79 -6.94 -2.15 -1.93
C ARG B 79 -6.36 -0.75 -2.05
N THR B 80 -7.23 0.25 -2.16
CA THR B 80 -6.82 1.63 -2.36
C THR B 80 -7.00 2.42 -1.07
N PHE B 81 -5.93 3.11 -0.65
CA PHE B 81 -5.94 3.92 0.56
C PHE B 81 -5.45 5.35 0.32
N SER B 82 -5.08 5.71 -0.90
CA SER B 82 -4.32 6.92 -1.17
C SER B 82 -5.11 8.01 -1.88
N ILE B 83 -6.44 7.88 -2.00
CA ILE B 83 -7.20 8.87 -2.76
C ILE B 83 -7.09 10.24 -2.10
N LEU B 84 -7.24 10.30 -0.77
CA LEU B 84 -7.17 11.58 -0.09
C LEU B 84 -5.77 12.18 -0.14
N ASN B 85 -4.74 11.34 0.03
CA ASN B 85 -3.37 11.87 -0.03
C ASN B 85 -3.08 12.45 -1.41
N ARG B 86 -3.54 11.78 -2.47
CA ARG B 86 -3.34 12.32 -3.81
C ARG B 86 -3.97 13.69 -3.95
N LYS B 87 -5.17 13.87 -3.39
CA LYS B 87 -5.85 15.15 -3.50
C LYS B 87 -5.14 16.22 -2.69
N ALA B 88 -4.52 15.84 -1.58
CA ALA B 88 -3.71 16.79 -0.83
C ALA B 88 -2.51 17.25 -1.66
N ILE B 89 -1.85 16.33 -2.36
CA ILE B 89 -0.72 16.70 -3.20
C ILE B 89 -1.18 17.56 -4.36
N ASP B 90 -2.31 17.20 -4.98
CA ASP B 90 -2.79 17.98 -6.10
C ASP B 90 -3.20 19.38 -5.67
N PHE B 91 -3.64 19.55 -4.43
CA PHE B 91 -3.94 20.88 -3.92
C PHE B 91 -2.69 21.74 -3.84
N LEU B 92 -1.60 21.16 -3.35
CA LEU B 92 -0.37 21.92 -3.19
C LEU B 92 0.25 22.26 -4.54
N LEU B 93 0.35 21.26 -5.42
CA LEU B 93 1.01 21.48 -6.70
C LEU B 93 0.32 22.54 -7.53
N GLN B 94 -0.97 22.78 -7.30
CA GLN B 94 -1.68 23.79 -8.08
C GLN B 94 -1.35 25.21 -7.64
N ARG B 95 -0.87 25.39 -6.41
CA ARG B 95 -0.58 26.73 -5.92
C ARG B 95 0.76 26.74 -5.19
N TRP B 96 1.77 26.13 -5.80
CA TRP B 96 3.09 26.09 -5.20
C TRP B 96 3.81 27.42 -5.43
N ALA C 2 15.78 18.71 26.66
CA ALA C 2 14.29 18.58 26.64
C ALA C 2 13.88 17.20 27.14
N ILE C 3 14.15 16.17 26.33
CA ILE C 3 13.83 14.80 26.72
C ILE C 3 14.80 14.37 27.81
N VAL C 4 14.27 13.77 28.86
CA VAL C 4 15.07 13.26 29.97
C VAL C 4 14.70 11.80 30.20
N ASN C 5 15.70 10.93 30.27
CA ASN C 5 15.45 9.51 30.45
C ASN C 5 14.96 9.24 31.86
N ALA C 6 14.04 8.29 31.98
CA ALA C 6 13.49 7.86 33.26
C ALA C 6 13.51 6.35 33.36
N GLN C 7 14.58 5.72 32.86
CA GLN C 7 14.67 4.28 32.77
C GLN C 7 16.01 3.83 33.31
N PRO C 8 16.10 2.64 33.89
CA PRO C 8 17.35 2.20 34.50
C PRO C 8 18.35 1.68 33.48
N LYS C 9 19.62 1.88 33.78
CA LYS C 9 20.71 1.30 32.98
C LYS C 9 20.54 1.60 31.49
N CYS C 10 20.49 2.89 31.14
CA CYS C 10 20.43 3.27 29.75
C CYS C 10 21.77 3.02 29.07
N ASN C 11 21.73 2.43 27.88
CA ASN C 11 22.95 2.06 27.16
C ASN C 11 23.44 3.22 26.32
N PRO C 12 24.69 3.68 26.47
CA PRO C 12 25.13 4.87 25.73
C PRO C 12 25.40 4.64 24.24
N ASN C 13 25.98 3.50 23.88
CA ASN C 13 26.39 3.24 22.51
C ASN C 13 25.19 2.80 21.67
N LEU C 14 25.41 2.74 20.36
CA LEU C 14 24.36 2.30 19.44
C LEU C 14 25.02 1.74 18.18
N HIS C 15 25.04 0.40 18.07
CA HIS C 15 25.55 -0.28 16.89
C HIS C 15 24.41 -0.43 15.90
N TYR C 16 24.32 0.51 14.97
CA TYR C 16 23.22 0.54 14.02
C TYR C 16 23.51 -0.34 12.81
N TRP C 17 22.42 -0.76 12.15
CA TRP C 17 22.47 -1.30 10.80
C TRP C 17 21.33 -0.71 10.00
N THR C 18 21.56 -0.54 8.70
CA THR C 18 20.55 0.06 7.83
C THR C 18 20.86 -0.34 6.39
N THR C 19 19.88 -0.09 5.52
CA THR C 19 19.99 -0.37 4.10
C THR C 19 20.24 0.94 3.35
N GLN C 20 21.33 0.98 2.58
CA GLN C 20 21.67 2.18 1.82
C GLN C 20 20.76 2.29 0.60
N ASP C 21 19.97 3.36 0.55
CA ASP C 21 18.98 3.50 -0.52
C ASP C 21 19.64 3.66 -1.88
N GLU C 22 20.74 4.41 -1.95
CA GLU C 22 21.39 4.66 -3.23
C GLU C 22 22.24 3.48 -3.71
N GLY C 23 22.57 2.55 -2.83
CA GLY C 23 23.27 1.34 -3.24
C GLY C 23 24.74 1.53 -3.49
N ALA C 24 25.45 0.43 -3.77
CA ALA C 24 26.88 0.51 -4.05
C ALA C 24 27.14 0.63 -5.54
N ALA C 25 26.43 -0.14 -6.35
CA ALA C 25 26.53 -0.05 -7.81
C ALA C 25 27.94 -0.36 -8.32
N ILE C 26 28.57 -1.38 -7.76
CA ILE C 26 29.89 -1.79 -8.21
C ILE C 26 29.74 -2.78 -9.36
N GLY C 27 30.05 -2.34 -10.57
CA GLY C 27 30.02 -3.25 -11.71
C GLY C 27 28.65 -3.86 -11.89
N LEU C 28 28.61 -5.20 -11.97
CA LEU C 28 27.37 -5.93 -12.20
C LEU C 28 26.59 -6.23 -10.93
N ALA C 29 27.06 -5.77 -9.77
CA ALA C 29 26.45 -6.14 -8.51
C ALA C 29 25.02 -5.63 -8.36
N TRP C 30 24.60 -4.67 -9.18
CA TRP C 30 23.23 -4.17 -9.06
C TRP C 30 22.21 -5.12 -9.67
N ILE C 31 22.63 -6.05 -10.51
CA ILE C 31 21.70 -7.03 -11.07
C ILE C 31 21.33 -8.05 -10.00
N PRO C 32 20.05 -8.30 -9.73
CA PRO C 32 19.70 -9.23 -8.65
C PRO C 32 20.24 -10.63 -8.83
N TYR C 33 20.38 -11.12 -10.07
CA TYR C 33 20.94 -12.45 -10.27
C TYR C 33 22.38 -12.55 -9.77
N PHE C 34 23.09 -11.42 -9.67
CA PHE C 34 24.46 -11.41 -9.19
C PHE C 34 24.62 -10.77 -7.83
N GLY C 35 23.62 -10.03 -7.35
CA GLY C 35 23.74 -9.28 -6.12
C GLY C 35 23.76 -10.16 -4.89
N PRO C 36 23.99 -9.56 -3.73
CA PRO C 36 24.09 -10.33 -2.50
C PRO C 36 22.73 -10.82 -2.02
N ALA C 37 22.76 -11.84 -1.17
CA ALA C 37 21.54 -12.38 -0.60
C ALA C 37 20.88 -11.37 0.33
N ALA C 38 19.73 -11.75 0.87
CA ALA C 38 18.99 -10.85 1.76
C ALA C 38 19.80 -10.50 3.00
N GLU C 39 20.74 -11.34 3.41
CA GLU C 39 21.53 -11.09 4.61
C GLU C 39 22.72 -10.18 4.37
N GLY C 40 22.98 -9.79 3.11
CA GLY C 40 24.18 -9.03 2.80
C GLY C 40 23.93 -7.61 2.31
N ILE C 41 22.68 -7.14 2.37
CA ILE C 41 22.36 -5.81 1.87
C ILE C 41 22.50 -4.72 2.92
N TYR C 42 23.05 -5.01 4.08
CA TYR C 42 23.10 -4.04 5.17
C TYR C 42 24.46 -3.40 5.32
N ILE C 43 24.46 -2.19 5.87
CA ILE C 43 25.67 -1.47 6.26
C ILE C 43 25.54 -1.12 7.75
N GLU C 44 26.67 -1.14 8.45
CA GLU C 44 26.63 -0.98 9.90
C GLU C 44 27.83 -0.18 10.38
N GLY C 45 27.64 0.52 11.48
CA GLY C 45 28.68 1.33 12.08
C GLY C 45 28.48 1.45 13.57
N LEU C 46 28.89 2.60 14.11
CA LEU C 46 28.84 2.83 15.55
C LEU C 46 28.87 4.32 15.84
N MET C 47 27.88 4.80 16.59
CA MET C 47 27.83 6.19 17.03
C MET C 47 28.48 6.33 18.41
N HIS C 48 29.81 6.20 18.41
CA HIS C 48 30.55 5.96 19.65
C HIS C 48 30.32 7.05 20.68
N ASN C 49 30.02 6.63 21.90
CA ASN C 49 30.08 7.43 23.11
C ASN C 49 29.31 8.74 23.03
N GLN C 50 28.41 8.89 22.06
CA GLN C 50 27.58 10.09 21.99
C GLN C 50 26.31 9.87 22.80
N ASP C 51 26.47 9.67 24.11
CA ASP C 51 25.33 9.31 24.95
C ASP C 51 24.31 10.45 25.06
N GLY C 52 24.74 11.69 24.85
CA GLY C 52 23.81 12.81 24.94
C GLY C 52 22.67 12.74 23.94
N LEU C 53 22.88 12.06 22.81
CA LEU C 53 21.84 11.88 21.80
C LEU C 53 21.20 10.50 21.87
N ILE C 54 22.00 9.47 22.11
CA ILE C 54 21.47 8.12 22.18
C ILE C 54 20.49 7.98 23.33
N CYS C 55 20.83 8.53 24.50
CA CYS C 55 19.92 8.47 25.63
C CYS C 55 18.60 9.14 25.33
N GLY C 56 18.63 10.23 24.55
CA GLY C 56 17.39 10.87 24.16
C GLY C 56 16.55 10.02 23.22
N LEU C 57 17.20 9.33 22.29
CA LEU C 57 16.46 8.50 21.34
C LEU C 57 15.69 7.40 22.05
N ARG C 58 16.32 6.77 23.04
CA ARG C 58 15.69 5.65 23.72
C ARG C 58 14.44 6.10 24.46
N GLN C 59 14.47 7.28 25.08
CA GLN C 59 13.31 7.79 25.80
C GLN C 59 12.20 8.19 24.85
N LEU C 60 12.55 8.79 23.71
CA LEU C 60 11.53 9.19 22.74
C LEU C 60 10.76 7.98 22.23
N ALA C 61 11.47 6.87 21.98
CA ALA C 61 10.80 5.66 21.51
C ALA C 61 9.82 5.13 22.55
N ASN C 62 10.19 5.20 23.82
CA ASN C 62 9.30 4.74 24.89
C ASN C 62 8.01 5.56 24.92
N GLU C 63 8.12 6.87 24.70
CA GLU C 63 6.94 7.72 24.71
C GLU C 63 6.16 7.63 23.40
N THR C 64 6.85 7.40 22.28
CA THR C 64 6.15 7.36 21.00
C THR C 64 5.29 6.11 20.86
N THR C 65 5.52 5.10 21.70
CA THR C 65 4.78 3.84 21.56
C THR C 65 3.29 4.04 21.77
N GLN C 66 2.91 4.86 22.74
CA GLN C 66 1.49 5.03 23.05
C GLN C 66 0.74 5.58 21.84
N ALA C 67 1.25 6.65 21.24
CA ALA C 67 0.56 7.26 20.11
C ALA C 67 0.53 6.31 18.92
N LEU C 68 1.62 5.59 18.69
CA LEU C 68 1.69 4.70 17.53
C LEU C 68 0.70 3.55 17.66
N GLN C 69 0.56 2.97 18.85
CA GLN C 69 -0.34 1.84 19.03
C GLN C 69 -1.78 2.22 18.74
N LEU C 70 -2.21 3.38 19.24
CA LEU C 70 -3.58 3.83 18.98
C LEU C 70 -3.81 4.09 17.51
N PHE C 71 -2.82 4.65 16.81
CA PHE C 71 -2.95 4.87 15.38
C PHE C 71 -3.15 3.56 14.63
N LEU C 72 -2.37 2.54 14.97
CA LEU C 72 -2.51 1.25 14.30
C LEU C 72 -3.86 0.62 14.61
N ARG C 73 -4.41 0.87 15.79
CA ARG C 73 -5.72 0.34 16.13
C ARG C 73 -6.79 0.85 15.18
N ALA C 74 -6.64 2.09 14.72
CA ALA C 74 -7.67 2.69 13.87
C ALA C 74 -7.55 2.22 12.42
N THR C 75 -6.34 2.28 11.86
CA THR C 75 -6.17 1.98 10.45
C THR C 75 -6.56 0.54 10.13
N THR C 76 -7.20 0.35 8.99
CA THR C 76 -7.62 -0.97 8.55
C THR C 76 -6.59 -1.65 7.65
N GLU C 77 -5.53 -0.95 7.26
CA GLU C 77 -4.49 -1.57 6.47
C GLU C 77 -3.61 -2.46 7.34
N LEU C 78 -3.22 -3.61 6.79
CA LEU C 78 -2.47 -4.59 7.56
C LEU C 78 -1.03 -4.13 7.81
N ARG C 79 -0.38 -3.60 6.78
CA ARG C 79 0.99 -3.10 6.89
C ARG C 79 1.00 -1.62 6.55
N THR C 80 1.59 -0.82 7.44
CA THR C 80 1.60 0.63 7.30
C THR C 80 2.99 1.08 6.87
N PHE C 81 3.04 1.86 5.79
CA PHE C 81 4.28 2.41 5.28
C PHE C 81 4.26 3.93 5.11
N SER C 82 3.13 4.57 5.40
CA SER C 82 2.89 5.95 4.97
C SER C 82 2.90 6.97 6.10
N ILE C 83 3.39 6.61 7.30
CA ILE C 83 3.40 7.56 8.40
C ILE C 83 4.26 8.76 8.06
N LEU C 84 5.47 8.52 7.54
CA LEU C 84 6.38 9.62 7.23
C LEU C 84 5.85 10.49 6.09
N ASN C 85 5.30 9.87 5.05
CA ASN C 85 4.77 10.66 3.94
C ASN C 85 3.63 11.55 4.41
N ARG C 86 2.76 11.04 5.27
CA ARG C 86 1.68 11.86 5.80
C ARG C 86 2.23 13.05 6.57
N LYS C 87 3.28 12.84 7.36
CA LYS C 87 3.87 13.94 8.10
C LYS C 87 4.56 14.94 7.18
N ALA C 88 5.06 14.48 6.03
CA ALA C 88 5.57 15.42 5.04
C ALA C 88 4.45 16.28 4.47
N ILE C 89 3.30 15.68 4.15
CA ILE C 89 2.18 16.44 3.62
C ILE C 89 1.65 17.40 4.67
N ASP C 90 1.50 16.93 5.91
CA ASP C 90 0.99 17.79 6.98
C ASP C 90 1.94 18.93 7.31
N PHE C 91 3.22 18.80 7.01
CA PHE C 91 4.15 19.91 7.17
C PHE C 91 3.89 20.99 6.12
N LEU C 92 3.73 20.57 4.86
CA LEU C 92 3.51 21.54 3.79
C LEU C 92 2.19 22.26 3.94
N LEU C 93 1.13 21.52 4.27
CA LEU C 93 -0.20 22.13 4.34
C LEU C 93 -0.27 23.22 5.38
N GLN C 94 0.62 23.22 6.37
CA GLN C 94 0.59 24.23 7.43
C GLN C 94 1.37 25.48 7.09
N ARG C 95 2.07 25.50 5.96
CA ARG C 95 2.94 26.61 5.60
C ARG C 95 2.30 27.44 4.50
N TRP C 96 2.27 28.75 4.70
CA TRP C 96 1.71 29.70 3.73
C TRP C 96 2.57 30.98 3.67
N SER D 3 17.77 8.49 -6.42
CA SER D 3 18.59 8.74 -7.60
C SER D 3 17.94 8.17 -8.85
N ILE D 4 16.63 8.04 -8.84
CA ILE D 4 15.87 7.59 -10.00
C ILE D 4 15.68 8.78 -10.92
N PRO D 5 16.24 8.80 -12.12
CA PRO D 5 16.09 9.97 -12.98
C PRO D 5 14.66 10.18 -13.45
N LEU D 6 14.33 11.45 -13.65
CA LEU D 6 13.07 11.87 -14.25
C LEU D 6 13.35 12.52 -15.60
N GLY D 7 12.50 12.21 -16.58
CA GLY D 7 12.62 12.83 -17.89
C GLY D 7 11.59 13.93 -18.03
N VAL D 8 12.04 15.09 -18.49
CA VAL D 8 11.20 16.27 -18.65
C VAL D 8 11.11 16.59 -20.13
N ILE D 9 9.90 16.80 -20.62
CA ILE D 9 9.64 17.07 -22.03
C ILE D 9 9.27 18.53 -22.19
N HIS D 10 9.91 19.21 -23.12
CA HIS D 10 9.56 20.58 -23.48
C HIS D 10 9.85 20.78 -24.96
N ASN D 11 8.84 21.27 -25.69
CA ASN D 11 8.97 21.51 -27.12
C ASN D 11 9.39 20.24 -27.87
N SER D 12 8.83 19.09 -27.46
CA SER D 12 9.12 17.82 -28.10
C SER D 12 10.61 17.47 -28.07
N ALA D 13 11.26 17.77 -26.94
CA ALA D 13 12.63 17.35 -26.69
C ALA D 13 12.71 16.76 -25.29
N LEU D 14 13.62 15.80 -25.12
CA LEU D 14 13.73 15.04 -23.88
C LEU D 14 15.09 15.30 -23.24
N GLN D 15 15.09 15.54 -21.93
CA GLN D 15 16.31 15.80 -21.19
C GLN D 15 16.15 15.27 -19.77
N VAL D 16 17.27 14.91 -19.15
CA VAL D 16 17.27 14.36 -17.80
C VAL D 16 17.36 15.50 -16.80
N SER D 17 16.45 15.52 -15.82
CA SER D 17 16.41 16.59 -14.84
C SER D 17 15.77 16.05 -13.57
N ASP D 18 16.57 15.77 -12.56
CA ASP D 18 16.05 15.40 -11.26
C ASP D 18 15.37 16.61 -10.62
N VAL D 19 14.52 16.35 -9.63
CA VAL D 19 13.77 17.42 -8.99
C VAL D 19 14.69 18.43 -8.33
N ASP D 20 15.96 18.09 -8.11
CA ASP D 20 16.90 19.03 -7.52
C ASP D 20 17.09 20.26 -8.39
N LYS D 21 16.93 20.14 -9.70
CA LYS D 21 17.16 21.25 -10.63
C LYS D 21 15.97 21.47 -11.56
N LEU D 22 14.77 21.07 -11.13
CA LEU D 22 13.56 21.23 -11.94
C LEU D 22 13.06 22.67 -11.78
N VAL D 23 13.71 23.57 -12.51
CA VAL D 23 13.36 24.98 -12.42
C VAL D 23 11.93 25.21 -12.91
N CYS D 24 11.43 26.40 -12.65
CA CYS D 24 10.05 26.72 -13.00
C CYS D 24 9.79 26.68 -14.49
N ARG D 25 10.83 26.79 -15.33
CA ARG D 25 10.62 26.74 -16.77
C ARG D 25 9.98 25.44 -17.22
N ASP D 26 10.09 24.38 -16.42
CA ASP D 26 9.48 23.08 -16.70
C ASP D 26 8.59 22.68 -15.53
N LYS D 27 7.76 23.63 -15.08
CA LYS D 27 6.99 23.48 -13.86
C LYS D 27 5.94 22.38 -13.96
N LEU D 28 5.78 21.66 -12.85
CA LEU D 28 4.61 20.82 -12.63
C LEU D 28 3.41 21.67 -12.22
N SER D 29 2.22 21.18 -12.51
CA SER D 29 1.01 21.82 -11.99
C SER D 29 0.01 20.85 -11.38
N SER D 30 -0.01 19.59 -11.79
CA SER D 30 -0.96 18.61 -11.27
C SER D 30 -0.31 17.24 -11.28
N THR D 31 -0.81 16.36 -10.42
CA THR D 31 -0.22 15.04 -10.26
C THR D 31 -0.49 14.10 -11.42
N ASN D 32 -1.36 14.48 -12.36
CA ASN D 32 -1.61 13.66 -13.54
C ASN D 32 -0.56 13.84 -14.64
N GLN D 33 0.36 14.79 -14.48
CA GLN D 33 1.46 14.91 -15.43
C GLN D 33 2.49 13.82 -15.25
N LEU D 34 2.70 13.37 -14.02
CA LEU D 34 3.69 12.33 -13.77
C LEU D 34 3.19 11.00 -14.31
N ARG D 35 4.04 10.32 -15.07
CA ARG D 35 3.66 9.08 -15.73
C ARG D 35 4.85 8.14 -15.75
N SER D 36 4.56 6.84 -15.75
CA SER D 36 5.58 5.80 -15.86
C SER D 36 5.30 4.97 -17.11
N VAL D 37 6.33 4.75 -17.91
CA VAL D 37 6.21 4.11 -19.21
C VAL D 37 7.11 2.88 -19.23
N GLY D 38 6.56 1.75 -19.67
CA GLY D 38 7.30 0.52 -19.78
C GLY D 38 7.60 0.19 -21.22
N LEU D 39 8.89 0.08 -21.54
CA LEU D 39 9.35 -0.11 -22.91
C LEU D 39 9.96 -1.50 -23.06
N ASN D 40 9.77 -2.08 -24.25
CA ASN D 40 10.21 -3.44 -24.52
C ASN D 40 11.63 -3.47 -25.06
N LEU D 41 12.35 -4.54 -24.76
CA LEU D 41 13.73 -4.64 -25.22
C LEU D 41 13.82 -4.87 -26.71
N GLU D 42 12.80 -5.50 -27.31
CA GLU D 42 12.88 -5.82 -28.73
C GLU D 42 13.04 -4.57 -29.59
N GLY D 43 12.64 -3.40 -29.08
CA GLY D 43 12.90 -2.17 -29.80
C GLY D 43 14.35 -1.75 -29.79
N ASN D 44 15.13 -2.25 -28.86
CA ASN D 44 16.55 -1.93 -28.76
C ASN D 44 17.43 -2.91 -29.52
N GLY D 45 16.84 -3.87 -30.23
CA GLY D 45 17.57 -4.75 -31.11
C GLY D 45 17.89 -6.12 -30.57
N VAL D 46 17.35 -6.49 -29.40
CA VAL D 46 17.69 -7.80 -28.83
C VAL D 46 17.02 -8.91 -29.63
N ALA D 47 17.73 -10.04 -29.74
CA ALA D 47 17.17 -11.21 -30.40
C ALA D 47 16.06 -11.80 -29.57
N THR D 48 15.05 -12.36 -30.23
CA THR D 48 13.83 -12.80 -29.57
C THR D 48 13.47 -14.26 -29.81
N ASP D 49 14.22 -14.98 -30.64
CA ASP D 49 13.95 -16.41 -30.81
C ASP D 49 14.12 -17.13 -29.48
N VAL D 50 13.29 -18.15 -29.26
CA VAL D 50 13.23 -18.83 -27.97
C VAL D 50 14.59 -19.38 -27.55
N PRO D 51 15.32 -20.08 -28.42
CA PRO D 51 16.65 -20.57 -28.01
C PRO D 51 17.57 -19.48 -27.51
N SER D 52 17.45 -18.27 -28.04
CA SER D 52 18.27 -17.15 -27.60
C SER D 52 17.67 -16.39 -26.43
N ALA D 53 16.35 -16.44 -26.28
CA ALA D 53 15.71 -15.71 -25.17
C ALA D 53 15.91 -16.45 -23.85
N THR D 54 15.84 -17.78 -23.86
CA THR D 54 15.97 -18.54 -22.62
C THR D 54 17.35 -18.42 -22.01
N LYS D 55 18.37 -18.13 -22.81
CA LYS D 55 19.72 -18.00 -22.26
C LYS D 55 19.89 -16.74 -21.42
N ARG D 56 18.95 -15.80 -21.49
CA ARG D 56 19.01 -14.59 -20.70
C ARG D 56 18.13 -14.63 -19.46
N TRP D 57 17.60 -15.79 -19.11
CA TRP D 57 16.91 -16.02 -17.85
C TRP D 57 17.63 -17.12 -17.08
N GLY D 58 17.79 -16.92 -15.78
CA GLY D 58 18.54 -17.87 -14.96
C GLY D 58 17.97 -17.99 -13.58
N PHE D 59 18.39 -19.04 -12.88
CA PHE D 59 17.83 -19.40 -11.59
C PHE D 59 18.78 -19.03 -10.45
N ARG D 60 18.22 -18.55 -9.35
CA ARG D 60 18.96 -18.19 -8.16
C ARG D 60 18.07 -18.34 -6.95
N SER D 61 18.71 -18.45 -5.78
CA SER D 61 18.01 -18.62 -4.52
C SER D 61 18.55 -17.62 -3.50
N GLY D 62 17.67 -17.19 -2.60
CA GLY D 62 18.05 -16.28 -1.53
C GLY D 62 17.78 -14.82 -1.79
N VAL D 63 17.15 -14.47 -2.90
CA VAL D 63 16.84 -13.09 -3.25
C VAL D 63 15.32 -12.94 -3.32
N PRO D 64 14.70 -12.15 -2.46
CA PRO D 64 13.25 -11.99 -2.51
C PRO D 64 12.79 -11.40 -3.82
N PRO D 65 11.63 -11.81 -4.33
CA PRO D 65 11.09 -11.15 -5.52
C PRO D 65 10.47 -9.80 -5.19
N LYS D 66 10.35 -8.96 -6.22
CA LYS D 66 9.83 -7.62 -6.05
C LYS D 66 9.01 -7.23 -7.27
N VAL D 67 8.12 -6.27 -7.09
CA VAL D 67 7.21 -5.81 -8.14
C VAL D 67 7.06 -4.30 -8.04
N VAL D 68 6.92 -3.64 -9.19
CA VAL D 68 6.72 -2.20 -9.26
C VAL D 68 5.64 -1.90 -10.28
N ASN D 69 4.92 -0.82 -10.07
CA ASN D 69 3.80 -0.47 -10.94
C ASN D 69 4.27 0.40 -12.11
N TYR D 70 3.64 0.21 -13.27
CA TYR D 70 3.89 1.03 -14.44
C TYR D 70 2.60 1.23 -15.20
N GLU D 71 2.37 2.45 -15.69
CA GLU D 71 1.06 2.88 -16.13
C GLU D 71 0.87 2.88 -17.64
N ALA D 72 1.94 3.11 -18.41
CA ALA D 72 1.88 3.13 -19.86
C ALA D 72 2.76 2.01 -20.40
N GLY D 73 2.48 1.59 -21.63
CA GLY D 73 3.21 0.48 -22.20
C GLY D 73 3.39 0.56 -23.70
N GLU D 74 3.82 -0.54 -24.29
CA GLU D 74 4.11 -0.62 -25.71
C GLU D 74 3.65 -1.96 -26.24
N TRP D 75 3.35 -2.02 -27.53
CA TRP D 75 2.98 -3.28 -28.16
C TRP D 75 4.19 -4.19 -28.29
N ALA D 76 3.99 -5.48 -28.11
CA ALA D 76 5.06 -6.47 -28.17
C ALA D 76 4.87 -7.35 -29.39
N GLU D 77 5.91 -7.44 -30.22
CA GLU D 77 5.86 -8.36 -31.35
C GLU D 77 6.03 -9.80 -30.91
N ASN D 78 6.77 -10.04 -29.82
CA ASN D 78 6.96 -11.37 -29.28
C ASN D 78 6.79 -11.34 -27.76
N CYS D 79 6.06 -12.34 -27.26
CA CYS D 79 5.88 -12.54 -25.83
C CYS D 79 6.08 -14.02 -25.52
N TYR D 80 6.32 -14.32 -24.25
CA TYR D 80 6.69 -15.67 -23.83
C TYR D 80 5.80 -16.16 -22.70
N ASN D 81 5.57 -17.48 -22.68
CA ASN D 81 4.82 -18.15 -21.63
C ASN D 81 5.55 -19.43 -21.29
N LEU D 82 5.77 -19.69 -20.00
CA LEU D 82 6.67 -20.74 -19.54
C LEU D 82 5.95 -21.71 -18.62
N GLU D 83 6.23 -23.00 -18.80
CA GLU D 83 5.72 -24.08 -17.95
C GLU D 83 6.82 -25.11 -17.68
N ILE D 84 7.99 -24.65 -17.26
CA ILE D 84 9.11 -25.56 -17.04
C ILE D 84 8.80 -26.48 -15.87
N LYS D 85 9.41 -27.67 -15.89
CA LYS D 85 9.26 -28.66 -14.82
C LYS D 85 10.59 -29.29 -14.50
N LYS D 86 10.75 -29.68 -13.24
CA LYS D 86 11.86 -30.54 -12.86
C LYS D 86 11.60 -31.94 -13.38
N PRO D 87 12.64 -32.76 -13.53
CA PRO D 87 12.44 -34.12 -14.06
C PRO D 87 11.54 -34.99 -13.19
N ASP D 88 11.37 -34.66 -11.91
CA ASP D 88 10.50 -35.44 -11.04
C ASP D 88 9.02 -35.12 -11.23
N GLY D 89 8.69 -34.08 -11.99
CA GLY D 89 7.31 -33.71 -12.24
C GLY D 89 6.82 -32.50 -11.47
N SER D 90 7.62 -31.96 -10.55
CA SER D 90 7.19 -30.81 -9.77
C SER D 90 7.30 -29.53 -10.58
N GLU D 91 6.51 -28.53 -10.19
CA GLU D 91 6.53 -27.24 -10.86
C GLU D 91 7.82 -26.51 -10.51
N CYS D 92 8.40 -25.82 -11.50
CA CYS D 92 9.67 -25.14 -11.31
C CYS D 92 9.51 -23.67 -10.92
N LEU D 93 8.37 -23.07 -11.20
CA LEU D 93 8.21 -21.64 -11.04
C LEU D 93 7.04 -21.31 -10.11
N PRO D 94 7.06 -20.14 -9.47
CA PRO D 94 5.97 -19.79 -8.55
C PRO D 94 4.64 -19.62 -9.29
N ALA D 95 3.55 -19.90 -8.56
CA ALA D 95 2.22 -19.61 -9.07
C ALA D 95 1.96 -18.11 -9.00
N ALA D 96 1.23 -17.59 -9.98
CA ALA D 96 1.05 -16.16 -10.08
C ALA D 96 0.21 -15.64 -8.92
N PRO D 97 0.66 -14.63 -8.18
CA PRO D 97 -0.19 -14.04 -7.15
C PRO D 97 -1.33 -13.23 -7.77
N ASP D 98 -2.37 -13.03 -6.97
CA ASP D 98 -3.52 -12.27 -7.43
C ASP D 98 -3.09 -10.87 -7.88
N GLY D 99 -3.61 -10.43 -9.02
CA GLY D 99 -3.29 -9.15 -9.59
C GLY D 99 -2.45 -9.23 -10.85
N ILE D 100 -1.68 -10.30 -11.03
CA ILE D 100 -0.91 -10.51 -12.25
C ILE D 100 -1.83 -11.15 -13.28
N ARG D 101 -1.98 -10.50 -14.43
CA ARG D 101 -2.92 -10.96 -15.45
C ARG D 101 -2.31 -11.19 -16.82
N GLY D 102 -1.01 -10.97 -16.98
CA GLY D 102 -0.38 -11.20 -18.26
C GLY D 102 -0.40 -9.96 -19.13
N PHE D 103 0.53 -9.92 -20.08
CA PHE D 103 0.70 -8.74 -20.91
C PHE D 103 -0.53 -8.56 -21.80
N PRO D 104 -1.10 -7.35 -21.89
CA PRO D 104 -2.38 -7.20 -22.59
C PRO D 104 -2.27 -7.20 -24.10
N ARG D 105 -1.15 -6.78 -24.68
CA ARG D 105 -1.03 -6.62 -26.13
C ARG D 105 0.25 -7.32 -26.60
N CYS D 106 0.08 -8.53 -27.12
CA CYS D 106 1.15 -9.29 -27.75
C CYS D 106 0.70 -9.77 -29.11
N ARG D 107 1.47 -9.43 -30.15
CA ARG D 107 1.12 -9.85 -31.50
C ARG D 107 1.44 -11.31 -31.76
N TYR D 108 2.29 -11.92 -30.94
CA TYR D 108 2.60 -13.33 -31.05
C TYR D 108 3.09 -13.82 -29.69
N VAL D 109 2.73 -15.05 -29.33
CA VAL D 109 3.01 -15.59 -28.00
C VAL D 109 3.69 -16.95 -28.17
N HIS D 110 4.82 -17.11 -27.50
CA HIS D 110 5.57 -18.37 -27.50
C HIS D 110 5.26 -19.14 -26.23
N LYS D 111 4.84 -20.38 -26.39
CA LYS D 111 4.65 -21.28 -25.27
C LYS D 111 5.84 -22.23 -25.19
N VAL D 112 6.57 -22.17 -24.08
CA VAL D 112 7.73 -23.02 -23.84
C VAL D 112 7.39 -23.92 -22.65
N SER D 113 7.46 -25.22 -22.86
CA SER D 113 7.08 -26.18 -21.82
C SER D 113 7.95 -27.40 -21.95
N GLY D 114 8.83 -27.62 -20.97
CA GLY D 114 9.68 -28.79 -21.00
C GLY D 114 10.47 -28.91 -19.72
N THR D 115 11.16 -30.03 -19.59
CA THR D 115 11.97 -30.29 -18.41
C THR D 115 13.27 -29.53 -18.45
N GLY D 116 13.74 -29.13 -17.27
CA GLY D 116 14.98 -28.40 -17.17
C GLY D 116 15.56 -28.52 -15.77
N PRO D 117 16.88 -28.67 -15.65
CA PRO D 117 17.48 -28.76 -14.31
C PRO D 117 17.39 -27.44 -13.55
N CYS D 118 16.18 -27.08 -13.12
CA CYS D 118 16.04 -25.91 -12.27
C CYS D 118 16.89 -26.07 -11.02
N ALA D 119 17.57 -25.00 -10.63
CA ALA D 119 18.51 -25.05 -9.51
C ALA D 119 18.39 -23.79 -8.67
N GLY D 120 17.16 -23.37 -8.38
CA GLY D 120 16.98 -22.19 -7.58
C GLY D 120 15.52 -21.98 -7.24
N ASP D 121 15.28 -20.99 -6.38
CA ASP D 121 13.91 -20.70 -5.95
C ASP D 121 13.15 -19.95 -7.04
N PHE D 122 13.81 -19.03 -7.74
CA PHE D 122 13.14 -18.14 -8.67
C PHE D 122 13.98 -17.99 -9.93
N ALA D 123 13.35 -17.53 -11.00
CA ALA D 123 14.03 -17.24 -12.26
C ALA D 123 14.14 -15.73 -12.42
N PHE D 124 15.38 -15.24 -12.55
CA PHE D 124 15.66 -13.82 -12.67
C PHE D 124 16.11 -13.49 -14.09
N HIS D 125 16.43 -12.22 -14.33
CA HIS D 125 16.97 -11.76 -15.60
C HIS D 125 18.45 -11.45 -15.43
N LYS D 126 19.28 -12.04 -16.27
CA LYS D 126 20.73 -11.92 -16.14
C LYS D 126 21.24 -10.52 -16.47
N GLU D 127 20.48 -9.70 -17.19
CA GLU D 127 20.91 -8.37 -17.59
C GLU D 127 20.18 -7.26 -16.85
N GLY D 128 19.48 -7.59 -15.77
CA GLY D 128 18.84 -6.58 -14.96
C GLY D 128 17.50 -6.11 -15.45
N ALA D 129 17.00 -6.64 -16.56
CA ALA D 129 15.73 -6.20 -17.09
C ALA D 129 14.58 -6.73 -16.24
N PHE D 130 13.42 -6.10 -16.38
CA PHE D 130 12.21 -6.52 -15.70
C PHE D 130 11.38 -7.42 -16.60
N PHE D 131 10.48 -8.16 -15.98
CA PHE D 131 9.46 -8.92 -16.68
C PHE D 131 8.13 -8.18 -16.54
N LEU D 132 7.54 -7.82 -17.67
CA LEU D 132 6.36 -6.97 -17.67
C LEU D 132 5.09 -7.81 -17.70
N TYR D 133 4.30 -7.69 -16.63
CA TYR D 133 3.01 -8.36 -16.50
C TYR D 133 1.93 -7.29 -16.42
N ASP D 134 0.98 -7.32 -17.35
CA ASP D 134 -0.13 -6.39 -17.33
C ASP D 134 0.38 -4.97 -17.09
N ARG D 135 0.06 -4.39 -15.93
CA ARG D 135 0.62 -3.11 -15.52
C ARG D 135 1.51 -3.23 -14.29
N LEU D 136 2.10 -4.41 -14.07
CA LEU D 136 3.03 -4.65 -12.98
C LEU D 136 4.32 -5.19 -13.55
N ALA D 137 5.44 -4.58 -13.18
CA ALA D 137 6.75 -5.04 -13.61
C ALA D 137 7.40 -5.83 -12.47
N SER D 138 7.82 -7.05 -12.78
CA SER D 138 8.33 -7.98 -11.78
C SER D 138 9.75 -8.40 -12.11
N THR D 139 10.50 -8.77 -11.07
CA THR D 139 11.85 -9.26 -11.23
C THR D 139 11.94 -10.77 -11.36
N VAL D 140 10.80 -11.47 -11.33
CA VAL D 140 10.78 -12.93 -11.33
C VAL D 140 9.72 -13.42 -12.32
N ILE D 141 9.96 -14.58 -12.89
CA ILE D 141 9.04 -15.19 -13.83
C ILE D 141 8.01 -16.01 -13.06
N TYR D 142 6.74 -15.80 -13.35
CA TYR D 142 5.65 -16.57 -12.76
C TYR D 142 5.15 -17.60 -13.76
N ARG D 143 4.58 -18.67 -13.23
CA ARG D 143 4.16 -19.79 -14.07
C ARG D 143 2.88 -19.48 -14.81
N GLY D 144 2.88 -19.77 -16.11
CA GLY D 144 1.67 -19.75 -16.91
C GLY D 144 1.16 -18.38 -17.28
N THR D 145 1.93 -17.32 -17.05
CA THR D 145 1.49 -15.97 -17.37
C THR D 145 2.39 -15.36 -18.42
N THR D 146 1.79 -14.78 -19.46
CA THR D 146 2.55 -14.15 -20.52
C THR D 146 3.27 -12.90 -20.02
N PHE D 147 4.45 -12.65 -20.56
CA PHE D 147 5.25 -11.50 -20.17
C PHE D 147 6.07 -11.02 -21.36
N ALA D 148 6.52 -9.77 -21.26
CA ALA D 148 7.42 -9.19 -22.24
C ALA D 148 8.58 -8.53 -21.52
N GLU D 149 9.78 -8.77 -22.01
CA GLU D 149 10.98 -8.21 -21.41
C GLU D 149 11.03 -6.71 -21.65
N GLY D 150 11.29 -5.95 -20.61
CA GLY D 150 11.26 -4.51 -20.76
C GLY D 150 11.84 -3.79 -19.56
N VAL D 151 11.84 -2.46 -19.65
CA VAL D 151 12.40 -1.59 -18.65
C VAL D 151 11.41 -0.44 -18.42
N VAL D 152 11.57 0.25 -17.30
CA VAL D 152 10.61 1.27 -16.86
C VAL D 152 11.30 2.64 -16.88
N ALA D 153 10.56 3.66 -17.30
CA ALA D 153 11.02 5.03 -17.33
C ALA D 153 9.97 5.95 -16.72
N PHE D 154 10.42 7.02 -16.08
CA PHE D 154 9.54 7.98 -15.43
C PHE D 154 9.64 9.32 -16.13
N LEU D 155 8.51 10.01 -16.26
CA LEU D 155 8.42 11.20 -17.09
C LEU D 155 7.58 12.27 -16.40
N ILE D 156 7.83 13.52 -16.78
CA ILE D 156 6.95 14.64 -16.49
C ILE D 156 6.41 15.14 -17.82
N LEU D 157 5.14 14.91 -18.06
CA LEU D 157 4.55 15.19 -19.36
C LEU D 157 4.25 16.67 -19.51
N PRO D 158 4.16 17.16 -20.74
CA PRO D 158 3.79 18.57 -20.95
C PRO D 158 2.32 18.79 -20.63
N GLN D 159 2.00 20.02 -20.24
CA GLN D 159 0.63 20.41 -19.96
C GLN D 159 -0.06 20.87 -21.23
N ALA D 160 -1.19 20.24 -21.56
CA ALA D 160 -1.90 20.55 -22.78
C ALA D 160 -3.37 20.16 -22.63
N LYS D 161 -4.20 20.71 -23.53
CA LYS D 161 -5.61 20.33 -23.55
C LYS D 161 -5.80 18.89 -23.99
N LYS D 162 -4.89 18.35 -24.81
CA LYS D 162 -4.91 16.96 -25.20
C LYS D 162 -3.67 16.29 -24.63
N ASP D 163 -3.88 15.21 -23.90
CA ASP D 163 -2.79 14.60 -23.15
C ASP D 163 -1.67 14.13 -24.09
N PHE D 164 -0.52 13.86 -23.49
CA PHE D 164 0.59 13.29 -24.28
C PHE D 164 0.16 12.01 -24.96
N PHE D 165 -0.57 11.17 -24.25
CA PHE D 165 -1.15 9.98 -24.86
C PHE D 165 -2.53 10.30 -25.42
N SER D 166 -3.07 9.36 -26.17
CA SER D 166 -4.26 9.55 -27.00
C SER D 166 -3.95 10.29 -28.29
N SER D 167 -2.66 10.45 -28.62
CA SER D 167 -2.27 11.08 -29.87
C SER D 167 -2.44 10.11 -31.04
N HIS D 168 -3.06 10.60 -32.11
CA HIS D 168 -3.33 9.84 -33.33
C HIS D 168 -3.88 8.45 -32.98
N PRO D 169 -5.04 8.38 -32.31
CA PRO D 169 -5.62 7.09 -31.92
C PRO D 169 -5.77 6.11 -33.08
N THR D 187 -1.74 -17.18 -33.82
CA THR D 187 -1.03 -16.10 -33.16
C THR D 187 -0.14 -16.62 -32.04
N THR D 188 0.11 -17.92 -32.02
CA THR D 188 0.94 -18.53 -30.99
C THR D 188 1.51 -19.84 -31.52
N ILE D 189 2.67 -20.22 -30.98
CA ILE D 189 3.33 -21.46 -31.34
C ILE D 189 3.83 -22.15 -30.08
N ARG D 190 3.96 -23.47 -30.14
CA ARG D 190 4.42 -24.29 -29.04
C ARG D 190 5.80 -24.85 -29.38
N TYR D 191 6.74 -24.71 -28.45
CA TYR D 191 8.12 -25.12 -28.67
C TYR D 191 8.53 -26.10 -27.59
N GLN D 192 9.12 -27.22 -28.00
CA GLN D 192 9.64 -28.19 -27.05
C GLN D 192 10.91 -27.65 -26.38
N ALA D 193 11.24 -28.23 -25.22
CA ALA D 193 12.39 -27.80 -24.46
C ALA D 193 13.01 -29.01 -23.77
N THR D 194 14.27 -28.86 -23.36
CA THR D 194 14.98 -29.91 -22.67
C THR D 194 16.14 -29.34 -21.86
N SER E 3 -10.93 13.51 -11.20
CA SER E 3 -12.32 13.65 -11.63
C SER E 3 -13.29 13.30 -10.49
N ILE E 4 -12.76 12.80 -9.38
CA ILE E 4 -13.58 12.45 -8.23
C ILE E 4 -14.03 13.73 -7.56
N PRO E 5 -15.32 14.01 -7.46
CA PRO E 5 -15.76 15.25 -6.80
C PRO E 5 -15.39 15.26 -5.34
N LEU E 6 -15.21 16.47 -4.81
CA LEU E 6 -14.82 16.69 -3.43
C LEU E 6 -15.72 17.77 -2.85
N GLY E 7 -16.27 17.52 -1.67
CA GLY E 7 -17.22 18.43 -1.05
C GLY E 7 -16.53 19.31 -0.03
N VAL E 8 -17.06 20.52 0.12
CA VAL E 8 -16.52 21.51 1.06
C VAL E 8 -17.67 22.04 1.91
N ILE E 9 -17.42 22.19 3.21
CA ILE E 9 -18.42 22.65 4.16
C ILE E 9 -18.00 24.02 4.67
N HIS E 10 -18.91 24.99 4.59
CA HIS E 10 -18.71 26.28 5.23
C HIS E 10 -20.08 26.82 5.59
N ASN E 11 -20.14 27.53 6.72
CA ASN E 11 -21.39 28.09 7.24
C ASN E 11 -22.51 27.06 7.23
N SER E 12 -22.17 25.81 7.56
CA SER E 12 -23.13 24.71 7.59
C SER E 12 -23.88 24.57 6.27
N ALA E 13 -23.15 24.71 5.16
CA ALA E 13 -23.68 24.46 3.82
C ALA E 13 -22.68 23.62 3.05
N LEU E 14 -23.18 22.87 2.08
CA LEU E 14 -22.37 21.92 1.31
C LEU E 14 -22.28 22.38 -0.13
N GLN E 15 -21.07 22.35 -0.69
CA GLN E 15 -20.82 22.71 -2.08
C GLN E 15 -19.88 21.69 -2.70
N VAL E 16 -19.93 21.60 -4.03
CA VAL E 16 -19.05 20.73 -4.79
C VAL E 16 -18.00 21.59 -5.46
N SER E 17 -16.73 21.24 -5.26
CA SER E 17 -15.64 22.03 -5.83
C SER E 17 -14.40 21.16 -5.91
N ASP E 18 -14.01 20.79 -7.13
CA ASP E 18 -12.76 20.09 -7.33
C ASP E 18 -11.62 20.94 -6.77
N VAL E 19 -10.47 20.29 -6.53
CA VAL E 19 -9.36 20.99 -5.89
C VAL E 19 -8.91 22.19 -6.71
N ASP E 20 -9.22 22.20 -8.00
CA ASP E 20 -8.81 23.32 -8.85
C ASP E 20 -9.49 24.62 -8.44
N LYS E 21 -10.76 24.58 -8.06
CA LYS E 21 -11.54 25.79 -7.81
C LYS E 21 -11.44 26.29 -6.38
N LEU E 22 -10.71 25.61 -5.51
CA LEU E 22 -10.65 26.03 -4.11
C LEU E 22 -10.01 27.41 -3.99
N VAL E 23 -10.78 28.36 -3.46
CA VAL E 23 -10.25 29.66 -3.09
C VAL E 23 -9.54 29.52 -1.75
N CYS E 24 -8.78 30.54 -1.36
CA CYS E 24 -8.14 30.51 -0.06
C CYS E 24 -9.13 30.58 1.08
N ARG E 25 -10.36 31.03 0.82
CA ARG E 25 -11.34 31.14 1.89
C ARG E 25 -11.64 29.77 2.51
N ASP E 26 -11.83 28.76 1.67
CA ASP E 26 -12.04 27.40 2.15
C ASP E 26 -10.69 26.81 2.55
N LYS E 27 -10.03 27.43 3.52
CA LYS E 27 -8.64 27.12 3.84
C LYS E 27 -8.47 25.71 4.38
N LEU E 28 -7.89 24.83 3.57
CA LEU E 28 -7.42 23.55 4.08
C LEU E 28 -6.10 23.76 4.81
N SER E 29 -6.01 23.27 6.04
CA SER E 29 -4.88 23.59 6.90
C SER E 29 -4.09 22.36 7.32
N SER E 30 -4.76 21.23 7.49
CA SER E 30 -4.10 20.01 7.94
C SER E 30 -4.79 18.81 7.31
N THR E 31 -4.08 17.68 7.31
CA THR E 31 -4.58 16.47 6.66
C THR E 31 -5.73 15.81 7.43
N ASN E 32 -5.98 16.24 8.67
CA ASN E 32 -7.10 15.69 9.43
C ASN E 32 -8.45 16.11 8.86
N GLN E 33 -8.49 17.20 8.11
CA GLN E 33 -9.75 17.71 7.60
C GLN E 33 -10.32 16.83 6.49
N LEU E 34 -9.46 16.18 5.71
CA LEU E 34 -9.92 15.35 4.60
C LEU E 34 -10.48 14.06 5.16
N ARG E 35 -11.75 13.78 4.81
CA ARG E 35 -12.47 12.64 5.36
C ARG E 35 -13.28 11.97 4.28
N SER E 36 -13.45 10.66 4.40
CA SER E 36 -14.29 9.87 3.52
C SER E 36 -15.42 9.26 4.33
N VAL E 37 -16.65 9.39 3.83
CA VAL E 37 -17.85 8.99 4.56
C VAL E 37 -18.64 8.03 3.68
N GLY E 38 -19.09 6.92 4.26
CA GLY E 38 -19.89 5.95 3.55
C GLY E 38 -21.32 5.92 4.01
N LEU E 39 -22.26 6.24 3.12
CA LEU E 39 -23.66 6.36 3.45
C LEU E 39 -24.46 5.22 2.82
N ASN E 40 -25.52 4.81 3.52
CA ASN E 40 -26.30 3.65 3.10
C ASN E 40 -27.41 4.06 2.14
N LEU E 41 -27.81 3.11 1.29
CA LEU E 41 -28.90 3.37 0.36
C LEU E 41 -30.25 3.40 1.04
N GLU E 42 -30.37 2.76 2.22
CA GLU E 42 -31.66 2.72 2.89
C GLU E 42 -32.21 4.12 3.13
N GLY E 43 -31.33 5.09 3.33
CA GLY E 43 -31.78 6.45 3.58
C GLY E 43 -32.37 7.13 2.36
N ASN E 44 -32.05 6.64 1.16
CA ASN E 44 -32.53 7.23 -0.07
C ASN E 44 -33.86 6.64 -0.54
N GLY E 45 -34.46 5.74 0.25
CA GLY E 45 -35.79 5.26 -0.04
C GLY E 45 -35.87 3.90 -0.71
N VAL E 46 -34.76 3.18 -0.84
CA VAL E 46 -34.78 1.91 -1.55
C VAL E 46 -35.43 0.84 -0.68
N ALA E 47 -36.17 -0.06 -1.32
CA ALA E 47 -36.77 -1.20 -0.63
C ALA E 47 -35.68 -2.16 -0.21
N THR E 48 -35.90 -2.84 0.93
CA THR E 48 -34.85 -3.66 1.53
C THR E 48 -35.32 -5.03 1.99
N ASP E 49 -36.55 -5.43 1.67
CA ASP E 49 -36.94 -6.82 1.92
C ASP E 49 -36.10 -7.74 1.04
N VAL E 50 -35.82 -8.93 1.57
CA VAL E 50 -34.91 -9.85 0.86
C VAL E 50 -35.35 -10.12 -0.57
N PRO E 51 -36.63 -10.41 -0.85
CA PRO E 51 -37.02 -10.66 -2.25
C PRO E 51 -36.69 -9.52 -3.17
N SER E 52 -36.68 -8.28 -2.68
CA SER E 52 -36.36 -7.13 -3.52
C SER E 52 -34.86 -6.86 -3.56
N ALA E 53 -34.12 -7.29 -2.54
CA ALA E 53 -32.69 -7.03 -2.49
C ALA E 53 -31.93 -7.93 -3.46
N THR E 54 -32.27 -9.22 -3.49
CA THR E 54 -31.54 -10.16 -4.33
C THR E 54 -31.66 -9.85 -5.81
N LYS E 55 -32.76 -9.23 -6.23
CA LYS E 55 -32.90 -8.83 -7.62
C LYS E 55 -31.96 -7.70 -8.00
N ARG E 56 -31.29 -7.10 -7.03
CA ARG E 56 -30.40 -5.98 -7.27
C ARG E 56 -28.93 -6.39 -7.31
N TRP E 57 -28.64 -7.69 -7.20
CA TRP E 57 -27.28 -8.22 -7.31
C TRP E 57 -27.26 -9.33 -8.36
N GLY E 58 -26.18 -9.37 -9.13
CA GLY E 58 -26.08 -10.31 -10.23
C GLY E 58 -24.67 -10.83 -10.36
N PHE E 59 -24.53 -11.95 -11.07
CA PHE E 59 -23.25 -12.63 -11.21
C PHE E 59 -22.61 -12.33 -12.56
N ARG E 60 -21.29 -12.18 -12.56
CA ARG E 60 -20.55 -11.91 -13.78
C ARG E 60 -19.14 -12.47 -13.63
N SER E 61 -18.45 -12.58 -14.77
CA SER E 61 -17.09 -13.07 -14.81
C SER E 61 -16.28 -12.20 -15.77
N GLY E 62 -14.98 -12.10 -15.50
CA GLY E 62 -14.09 -11.32 -16.31
C GLY E 62 -13.76 -9.94 -15.80
N VAL E 63 -14.26 -9.55 -14.63
CA VAL E 63 -14.01 -8.24 -14.05
C VAL E 63 -13.38 -8.45 -12.68
N PRO E 64 -12.11 -8.08 -12.48
CA PRO E 64 -11.48 -8.25 -11.17
C PRO E 64 -12.19 -7.43 -10.11
N PRO E 65 -12.28 -7.93 -8.88
CA PRO E 65 -12.86 -7.12 -7.80
C PRO E 65 -11.93 -6.03 -7.32
N LYS E 66 -12.49 -5.05 -6.62
CA LYS E 66 -11.72 -3.92 -6.13
C LYS E 66 -12.27 -3.51 -4.77
N VAL E 67 -11.43 -2.84 -3.99
CA VAL E 67 -11.80 -2.37 -2.66
C VAL E 67 -11.23 -0.98 -2.45
N VAL E 68 -11.93 -0.16 -1.67
CA VAL E 68 -11.50 1.18 -1.32
C VAL E 68 -11.80 1.41 0.15
N ASN E 69 -11.02 2.27 0.78
CA ASN E 69 -11.17 2.53 2.21
C ASN E 69 -12.13 3.69 2.45
N TYR E 70 -12.90 3.60 3.52
CA TYR E 70 -13.76 4.68 3.99
C TYR E 70 -13.73 4.72 5.51
N GLU E 71 -13.71 5.93 6.07
CA GLU E 71 -13.36 6.12 7.47
C GLU E 71 -14.57 6.26 8.39
N ALA E 72 -15.62 6.94 7.96
CA ALA E 72 -16.81 7.14 8.78
C ALA E 72 -18.03 6.55 8.07
N GLY E 73 -19.02 6.19 8.85
CA GLY E 73 -20.19 5.51 8.31
C GLY E 73 -21.50 5.90 8.96
N GLU E 74 -22.50 5.04 8.84
CA GLU E 74 -23.85 5.31 9.31
C GLU E 74 -24.47 4.03 9.86
N TRP E 75 -25.42 4.19 10.77
CA TRP E 75 -26.17 3.05 11.29
C TRP E 75 -27.07 2.47 10.21
N ALA E 76 -27.16 1.14 10.17
CA ALA E 76 -27.94 0.46 9.16
C ALA E 76 -29.10 -0.29 9.81
N GLU E 77 -30.31 -0.06 9.33
CA GLU E 77 -31.47 -0.74 9.88
C GLU E 77 -31.64 -2.13 9.32
N ASN E 78 -31.16 -2.38 8.10
CA ASN E 78 -31.23 -3.70 7.48
C ASN E 78 -29.87 -4.05 6.92
N CYS E 79 -29.45 -5.29 7.17
CA CYS E 79 -28.14 -5.78 6.76
C CYS E 79 -28.29 -7.22 6.28
N TYR E 80 -27.39 -7.65 5.40
CA TYR E 80 -27.53 -8.93 4.71
C TYR E 80 -26.29 -9.79 4.88
N ASN E 81 -26.52 -11.09 5.02
CA ASN E 81 -25.48 -12.10 5.07
C ASN E 81 -25.87 -13.24 4.14
N LEU E 82 -24.93 -13.66 3.29
CA LEU E 82 -25.24 -14.56 2.19
C LEU E 82 -24.40 -15.81 2.24
N GLU E 83 -25.05 -16.97 2.05
CA GLU E 83 -24.39 -18.26 1.87
C GLU E 83 -25.14 -18.99 0.75
N ILE E 84 -24.67 -18.82 -0.48
CA ILE E 84 -25.33 -19.35 -1.66
C ILE E 84 -24.52 -20.52 -2.19
N LYS E 85 -25.20 -21.59 -2.59
CA LYS E 85 -24.55 -22.78 -3.11
C LYS E 85 -25.15 -23.14 -4.47
N LYS E 86 -24.30 -23.48 -5.43
CA LYS E 86 -24.79 -24.05 -6.67
C LYS E 86 -25.22 -25.49 -6.44
N PRO E 87 -26.07 -26.04 -7.31
CA PRO E 87 -26.77 -27.28 -6.96
C PRO E 87 -25.87 -28.44 -6.59
N ASP E 88 -24.67 -28.53 -7.15
CA ASP E 88 -23.80 -29.66 -6.84
C ASP E 88 -23.22 -29.60 -5.43
N GLY E 89 -23.40 -28.48 -4.72
CA GLY E 89 -22.87 -28.32 -3.38
C GLY E 89 -21.68 -27.39 -3.26
N SER E 90 -21.13 -26.93 -4.38
CA SER E 90 -20.00 -26.02 -4.34
C SER E 90 -20.43 -24.64 -3.89
N GLU E 91 -19.57 -23.98 -3.11
CA GLU E 91 -19.82 -22.62 -2.70
C GLU E 91 -19.60 -21.66 -3.87
N CYS E 92 -20.57 -20.77 -4.11
CA CYS E 92 -20.47 -19.85 -5.24
C CYS E 92 -19.70 -18.59 -4.91
N LEU E 93 -19.93 -18.02 -3.74
CA LEU E 93 -19.29 -16.76 -3.40
C LEU E 93 -17.85 -16.98 -2.93
N PRO E 94 -16.98 -15.99 -3.14
CA PRO E 94 -15.59 -16.14 -2.68
C PRO E 94 -15.47 -16.05 -1.18
N ALA E 95 -14.38 -16.60 -0.66
CA ALA E 95 -14.09 -16.51 0.77
C ALA E 95 -13.51 -15.16 1.11
N ALA E 96 -13.81 -14.68 2.31
CA ALA E 96 -13.40 -13.33 2.70
C ALA E 96 -11.89 -13.28 2.89
N PRO E 97 -11.19 -12.35 2.25
CA PRO E 97 -9.75 -12.21 2.51
C PRO E 97 -9.48 -11.57 3.86
N ASP E 98 -8.25 -11.72 4.31
CA ASP E 98 -7.83 -11.15 5.58
C ASP E 98 -8.05 -9.64 5.56
N GLY E 99 -8.65 -9.12 6.63
CA GLY E 99 -8.96 -7.71 6.76
C GLY E 99 -10.42 -7.38 6.52
N ILE E 100 -11.11 -8.12 5.66
CA ILE E 100 -12.53 -7.89 5.45
C ILE E 100 -13.29 -8.38 6.67
N ARG E 101 -14.21 -7.56 7.17
CA ARG E 101 -14.90 -7.85 8.40
C ARG E 101 -16.30 -7.25 8.34
N GLY E 102 -17.20 -7.80 9.15
CA GLY E 102 -18.59 -7.44 9.04
C GLY E 102 -18.85 -5.98 9.34
N PHE E 103 -20.01 -5.53 8.91
CA PHE E 103 -20.40 -4.14 9.13
C PHE E 103 -20.56 -3.89 10.63
N PRO E 104 -19.94 -2.86 11.19
CA PRO E 104 -19.92 -2.75 12.66
C PRO E 104 -21.28 -2.60 13.28
N ARG E 105 -22.18 -1.81 12.69
CA ARG E 105 -23.44 -1.45 13.34
C ARG E 105 -24.59 -1.82 12.40
N CYS E 106 -25.52 -2.62 12.91
CA CYS E 106 -26.59 -3.21 12.12
C CYS E 106 -27.74 -3.60 13.04
N ARG E 107 -28.90 -2.93 12.88
CA ARG E 107 -30.00 -3.20 13.79
C ARG E 107 -30.62 -4.58 13.55
N TYR E 108 -30.68 -5.02 12.29
CA TYR E 108 -31.24 -6.32 11.95
C TYR E 108 -30.44 -6.91 10.80
N VAL E 109 -30.13 -8.20 10.91
CA VAL E 109 -29.29 -8.89 9.93
C VAL E 109 -30.10 -10.01 9.30
N HIS E 110 -30.28 -9.93 7.98
CA HIS E 110 -30.95 -10.98 7.24
C HIS E 110 -29.93 -12.01 6.79
N LYS E 111 -30.12 -13.25 7.20
CA LYS E 111 -29.26 -14.35 6.79
C LYS E 111 -29.97 -15.12 5.68
N VAL E 112 -29.35 -15.15 4.50
CA VAL E 112 -29.95 -15.75 3.31
C VAL E 112 -29.06 -16.89 2.85
N SER E 113 -29.66 -18.05 2.62
CA SER E 113 -28.94 -19.21 2.13
C SER E 113 -29.89 -20.07 1.32
N GLY E 114 -29.35 -20.69 0.27
CA GLY E 114 -30.16 -21.54 -0.57
C GLY E 114 -29.43 -21.94 -1.82
N THR E 115 -30.06 -22.84 -2.57
CA THR E 115 -29.48 -23.40 -3.79
C THR E 115 -29.79 -22.51 -5.00
N GLY E 116 -29.01 -21.44 -5.12
CA GLY E 116 -29.10 -20.55 -6.24
C GLY E 116 -28.49 -21.14 -7.49
N PRO E 117 -28.95 -20.69 -8.67
CA PRO E 117 -28.33 -21.13 -9.93
C PRO E 117 -27.08 -20.35 -10.28
N CYS E 118 -26.51 -19.63 -9.32
CA CYS E 118 -25.37 -18.75 -9.56
C CYS E 118 -24.48 -19.29 -10.67
N ALA E 119 -24.25 -18.44 -11.68
CA ALA E 119 -23.59 -18.82 -12.92
C ALA E 119 -22.53 -17.80 -13.30
N GLY E 120 -21.72 -17.42 -12.32
CA GLY E 120 -20.64 -16.47 -12.58
C GLY E 120 -19.53 -16.62 -11.58
N ASP E 121 -18.47 -15.84 -11.80
CA ASP E 121 -17.30 -15.90 -10.95
C ASP E 121 -17.44 -15.03 -9.71
N PHE E 122 -18.11 -13.89 -9.83
CA PHE E 122 -18.30 -12.98 -8.71
C PHE E 122 -19.71 -12.40 -8.78
N ALA E 123 -20.14 -11.85 -7.65
CA ALA E 123 -21.44 -11.18 -7.55
C ALA E 123 -21.22 -9.68 -7.50
N PHE E 124 -21.95 -8.94 -8.34
CA PHE E 124 -21.80 -7.50 -8.48
C PHE E 124 -23.11 -6.79 -8.20
N HIS E 125 -23.02 -5.47 -8.05
CA HIS E 125 -24.21 -4.64 -7.88
C HIS E 125 -24.66 -4.14 -9.24
N LYS E 126 -25.95 -4.31 -9.54
CA LYS E 126 -26.48 -3.98 -10.86
C LYS E 126 -26.82 -2.51 -11.01
N GLU E 127 -26.66 -1.69 -9.97
CA GLU E 127 -26.89 -0.26 -10.05
C GLU E 127 -25.65 0.55 -9.70
N GLY E 128 -24.50 -0.11 -9.52
CA GLY E 128 -23.25 0.57 -9.31
C GLY E 128 -22.87 0.82 -7.85
N ALA E 129 -23.74 0.49 -6.91
CA ALA E 129 -23.43 0.74 -5.51
C ALA E 129 -22.37 -0.22 -5.01
N PHE E 130 -21.65 0.23 -3.99
CA PHE E 130 -20.66 -0.59 -3.32
C PHE E 130 -21.31 -1.46 -2.25
N PHE E 131 -20.58 -2.48 -1.82
CA PHE E 131 -20.93 -3.26 -0.64
C PHE E 131 -20.01 -2.83 0.50
N LEU E 132 -20.59 -2.42 1.61
CA LEU E 132 -19.84 -1.87 2.72
C LEU E 132 -19.47 -2.98 3.71
N TYR E 133 -18.18 -3.20 3.88
CA TYR E 133 -17.64 -4.13 4.87
C TYR E 133 -16.78 -3.34 5.85
N ASP E 134 -17.14 -3.40 7.13
CA ASP E 134 -16.35 -2.74 8.17
C ASP E 134 -16.00 -1.33 7.75
N ARG E 135 -14.72 -1.07 7.45
CA ARG E 135 -14.28 0.20 6.91
C ARG E 135 -13.68 0.05 5.52
N LEU E 136 -14.06 -1.00 4.80
CA LEU E 136 -13.61 -1.25 3.44
C LEU E 136 -14.83 -1.42 2.55
N ALA E 137 -14.90 -0.62 1.49
CA ALA E 137 -15.99 -0.69 0.52
C ALA E 137 -15.55 -1.55 -0.65
N SER E 138 -16.33 -2.59 -0.95
CA SER E 138 -15.99 -3.58 -1.96
C SER E 138 -17.02 -3.58 -3.07
N THR E 139 -16.58 -3.96 -4.28
CA THR E 139 -17.46 -4.08 -5.42
C THR E 139 -18.02 -5.49 -5.59
N VAL E 140 -17.67 -6.42 -4.70
CA VAL E 140 -18.06 -7.81 -4.82
C VAL E 140 -18.52 -8.30 -3.45
N ILE E 141 -19.36 -9.34 -3.46
CA ILE E 141 -19.85 -9.95 -2.23
C ILE E 141 -18.89 -11.05 -1.80
N TYR E 142 -18.76 -11.23 -0.48
CA TYR E 142 -17.95 -12.29 0.08
C TYR E 142 -18.80 -13.19 0.96
N ARG E 143 -18.36 -14.42 1.12
CA ARG E 143 -19.16 -15.42 1.81
C ARG E 143 -19.16 -15.17 3.32
N GLY E 144 -20.36 -15.17 3.91
CA GLY E 144 -20.49 -15.22 5.34
C GLY E 144 -20.25 -13.93 6.08
N THR E 145 -19.96 -12.83 5.40
CA THR E 145 -19.67 -11.56 6.04
C THR E 145 -20.81 -10.58 5.81
N THR E 146 -21.25 -9.93 6.88
CA THR E 146 -22.36 -8.99 6.78
C THR E 146 -21.94 -7.74 6.01
N PHE E 147 -22.89 -7.17 5.27
CA PHE E 147 -22.64 -5.97 4.48
C PHE E 147 -23.90 -5.14 4.40
N ALA E 148 -23.71 -3.86 4.08
CA ALA E 148 -24.81 -2.94 3.83
C ALA E 148 -24.56 -2.21 2.51
N GLU E 149 -25.60 -2.07 1.71
CA GLU E 149 -25.50 -1.37 0.44
C GLU E 149 -25.29 0.11 0.69
N GLY E 150 -24.34 0.71 -0.01
CA GLY E 150 -24.05 2.11 0.25
C GLY E 150 -23.13 2.69 -0.80
N VAL E 151 -22.79 3.96 -0.58
CA VAL E 151 -21.94 4.73 -1.48
C VAL E 151 -20.99 5.56 -0.62
N VAL E 152 -19.94 6.09 -1.27
CA VAL E 152 -18.85 6.77 -0.57
C VAL E 152 -18.79 8.22 -1.02
N ALA E 153 -18.51 9.11 -0.07
CA ALA E 153 -18.37 10.54 -0.33
C ALA E 153 -17.09 11.07 0.31
N PHE E 154 -16.53 12.12 -0.27
CA PHE E 154 -15.30 12.75 0.20
C PHE E 154 -15.58 14.19 0.59
N LEU E 155 -14.96 14.63 1.69
CA LEU E 155 -15.27 15.93 2.27
C LEU E 155 -14.00 16.63 2.76
N ILE E 156 -14.06 17.96 2.78
CA ILE E 156 -13.11 18.80 3.49
C ILE E 156 -13.84 19.40 4.67
N LEU E 157 -13.59 18.90 5.87
CA LEU E 157 -14.32 19.33 7.05
C LEU E 157 -13.86 20.69 7.53
N PRO E 158 -14.70 21.41 8.27
CA PRO E 158 -14.27 22.70 8.81
C PRO E 158 -13.26 22.53 9.93
N GLN E 159 -12.38 23.52 10.06
CA GLN E 159 -11.42 23.54 11.15
C GLN E 159 -12.10 24.03 12.42
N ALA E 160 -12.05 23.23 13.49
CA ALA E 160 -12.75 23.56 14.71
C ALA E 160 -12.06 22.89 15.89
N LYS E 161 -12.41 23.36 17.09
CA LYS E 161 -11.87 22.77 18.30
C LYS E 161 -12.46 21.40 18.58
N LYS E 162 -13.62 21.08 18.01
CA LYS E 162 -14.24 19.78 18.16
C LYS E 162 -14.51 19.21 16.78
N ASP E 163 -14.09 17.96 16.57
CA ASP E 163 -14.20 17.35 15.26
C ASP E 163 -15.66 17.32 14.81
N PHE E 164 -15.86 17.33 13.50
CA PHE E 164 -17.21 17.29 12.95
C PHE E 164 -17.94 16.03 13.40
N PHE E 165 -17.26 14.89 13.35
CA PHE E 165 -17.86 13.63 13.77
C PHE E 165 -17.66 13.42 15.27
N SER E 166 -18.06 14.40 16.07
CA SER E 166 -18.12 14.25 17.52
C SER E 166 -19.36 14.93 18.10
N SER E 167 -20.25 15.45 17.27
CA SER E 167 -21.41 16.19 17.76
C SER E 167 -22.40 15.25 18.44
N HIS E 168 -23.01 15.75 19.52
CA HIS E 168 -24.03 15.04 20.28
C HIS E 168 -23.67 13.57 20.46
N PRO E 169 -22.52 13.27 21.09
CA PRO E 169 -22.04 11.90 21.23
C PRO E 169 -22.94 11.04 22.12
N THR E 187 -31.03 -8.34 16.36
CA THR E 187 -31.84 -9.48 15.97
C THR E 187 -31.49 -9.94 14.56
N THR E 188 -31.98 -11.11 14.17
CA THR E 188 -31.69 -11.67 12.86
C THR E 188 -32.84 -12.58 12.44
N ILE E 189 -32.95 -12.78 11.13
CA ILE E 189 -33.98 -13.64 10.54
C ILE E 189 -33.33 -14.52 9.49
N ARG E 190 -33.73 -15.80 9.48
CA ARG E 190 -33.21 -16.77 8.52
C ARG E 190 -34.28 -17.06 7.48
N TYR E 191 -33.93 -16.92 6.21
CA TYR E 191 -34.86 -17.10 5.10
C TYR E 191 -34.19 -17.91 4.00
N GLN E 192 -34.97 -18.79 3.37
CA GLN E 192 -34.48 -19.57 2.26
C GLN E 192 -34.51 -18.74 0.98
N ALA E 193 -33.80 -19.23 -0.04
CA ALA E 193 -33.70 -18.52 -1.31
C ALA E 193 -33.45 -19.52 -2.43
N THR E 194 -33.66 -19.07 -3.66
CA THR E 194 -33.41 -19.88 -4.83
C THR E 194 -33.44 -19.03 -6.09
N SER F 3 -1.21 12.09 16.48
CA SER F 3 -0.39 12.79 17.46
C SER F 3 0.87 12.00 17.78
N ILE F 4 1.50 11.45 16.74
CA ILE F 4 2.75 10.71 16.88
C ILE F 4 3.88 11.71 17.04
N PRO F 5 4.63 11.69 18.14
CA PRO F 5 5.72 12.65 18.29
C PRO F 5 6.80 12.44 17.22
N LEU F 6 7.45 13.54 16.86
CA LEU F 6 8.52 13.53 15.87
C LEU F 6 9.71 14.28 16.44
N GLY F 7 10.88 13.65 16.39
CA GLY F 7 12.08 14.22 16.99
C GLY F 7 12.87 15.04 15.96
N VAL F 8 13.54 16.07 16.46
CA VAL F 8 14.35 16.96 15.64
C VAL F 8 15.75 17.00 16.23
N ILE F 9 16.77 16.93 15.37
CA ILE F 9 18.16 16.96 15.79
C ILE F 9 18.79 18.23 15.24
N HIS F 10 19.40 19.02 16.12
CA HIS F 10 20.20 20.16 15.70
C HIS F 10 21.44 20.23 16.60
N ASN F 11 22.60 20.43 15.97
CA ASN F 11 23.88 20.45 16.67
C ASN F 11 23.98 19.31 17.68
N SER F 12 23.59 18.10 17.28
CA SER F 12 23.69 16.90 18.10
C SER F 12 22.87 16.97 19.38
N ALA F 13 21.82 17.79 19.42
CA ALA F 13 20.87 17.79 20.52
C ALA F 13 19.52 17.29 20.03
N LEU F 14 18.74 16.75 20.95
CA LEU F 14 17.45 16.14 20.62
C LEU F 14 16.32 16.85 21.36
N GLN F 15 15.22 17.08 20.67
CA GLN F 15 14.07 17.74 21.25
C GLN F 15 12.82 17.29 20.52
N VAL F 16 11.71 17.22 21.27
CA VAL F 16 10.43 16.81 20.69
C VAL F 16 9.80 18.01 20.00
N SER F 17 9.07 17.73 18.92
CA SER F 17 8.43 18.81 18.16
C SER F 17 7.30 18.24 17.32
N ASP F 18 6.10 18.79 17.50
CA ASP F 18 5.02 18.55 16.57
C ASP F 18 5.36 19.21 15.24
N VAL F 19 4.82 18.64 14.15
CA VAL F 19 5.10 19.19 12.83
C VAL F 19 4.63 20.64 12.74
N ASP F 20 3.62 21.00 13.55
CA ASP F 20 3.15 22.38 13.55
C ASP F 20 4.15 23.32 14.21
N LYS F 21 4.85 22.86 15.24
CA LYS F 21 5.74 23.73 15.99
C LYS F 21 7.06 24.01 15.28
N LEU F 22 7.37 23.30 14.20
CA LEU F 22 8.65 23.50 13.53
C LEU F 22 8.80 24.94 13.07
N VAL F 23 9.89 25.56 13.48
CA VAL F 23 10.26 26.88 12.98
C VAL F 23 10.94 26.69 11.63
N CYS F 24 11.14 27.78 10.90
CA CYS F 24 11.90 27.69 9.66
C CYS F 24 13.35 27.28 9.91
N ARG F 25 13.84 27.48 11.13
CA ARG F 25 15.23 27.14 11.42
C ARG F 25 15.49 25.65 11.25
N ASP F 26 14.59 24.81 11.77
CA ASP F 26 14.71 23.37 11.62
C ASP F 26 14.30 22.97 10.21
N LYS F 27 15.01 23.48 9.22
CA LYS F 27 14.60 23.33 7.83
C LYS F 27 14.54 21.85 7.45
N LEU F 28 13.44 21.48 6.81
CA LEU F 28 13.29 20.16 6.20
C LEU F 28 13.23 20.36 4.69
N SER F 29 14.26 19.89 3.99
CA SER F 29 14.43 20.18 2.58
C SER F 29 14.13 19.01 1.65
N SER F 30 14.36 17.78 2.07
CA SER F 30 14.16 16.63 1.22
C SER F 30 13.53 15.50 2.02
N THR F 31 12.89 14.57 1.30
CA THR F 31 12.15 13.51 1.96
C THR F 31 13.05 12.42 2.52
N ASN F 32 14.34 12.42 2.20
CA ASN F 32 15.27 11.44 2.75
C ASN F 32 15.80 11.84 4.13
N GLN F 33 15.44 13.03 4.62
CA GLN F 33 15.81 13.39 5.99
C GLN F 33 14.96 12.65 7.01
N LEU F 34 13.72 12.33 6.66
CA LEU F 34 12.83 11.63 7.57
C LEU F 34 13.24 10.17 7.67
N ARG F 35 13.41 9.70 8.92
CA ARG F 35 13.82 8.33 9.18
C ARG F 35 13.02 7.78 10.34
N SER F 36 12.94 6.45 10.38
CA SER F 36 12.34 5.73 11.49
C SER F 36 13.34 4.72 12.02
N VAL F 37 13.48 4.66 13.33
CA VAL F 37 14.50 3.85 13.98
C VAL F 37 13.82 2.95 15.01
N GLY F 38 14.20 1.68 15.01
CA GLY F 38 13.69 0.71 15.96
C GLY F 38 14.76 0.32 16.96
N LEU F 39 14.50 0.60 18.23
CA LEU F 39 15.49 0.42 19.29
C LEU F 39 15.08 -0.75 20.18
N ASN F 40 15.99 -1.70 20.33
CA ASN F 40 15.79 -2.81 21.24
C ASN F 40 15.72 -2.29 22.67
N LEU F 41 14.87 -2.88 23.49
CA LEU F 41 14.74 -2.43 24.87
C LEU F 41 15.64 -3.20 25.82
N GLU F 42 16.53 -4.05 25.31
CA GLU F 42 17.61 -4.56 26.15
C GLU F 42 18.48 -3.43 26.66
N GLY F 43 18.61 -2.35 25.90
CA GLY F 43 19.41 -1.22 26.32
C GLY F 43 18.79 -0.38 27.41
N ASN F 44 17.52 -0.62 27.73
CA ASN F 44 16.83 0.07 28.81
C ASN F 44 16.88 -0.72 30.12
N GLY F 45 17.67 -1.78 30.17
CA GLY F 45 17.94 -2.49 31.40
C GLY F 45 17.05 -3.67 31.71
N VAL F 46 16.28 -4.17 30.74
CA VAL F 46 15.36 -5.27 31.02
C VAL F 46 16.13 -6.57 31.16
N ALA F 47 15.56 -7.50 31.94
CA ALA F 47 16.08 -8.85 31.99
C ALA F 47 15.79 -9.57 30.68
N THR F 48 16.73 -10.40 30.25
CA THR F 48 16.68 -10.99 28.91
C THR F 48 16.73 -12.51 28.91
N ASP F 49 16.81 -13.17 30.06
CA ASP F 49 16.77 -14.62 30.08
C ASP F 49 15.40 -15.12 29.66
N VAL F 50 15.34 -16.38 29.22
CA VAL F 50 14.09 -16.93 28.69
C VAL F 50 12.99 -16.92 29.74
N PRO F 51 13.20 -17.38 30.97
CA PRO F 51 12.08 -17.39 31.93
C PRO F 51 11.45 -16.02 32.12
N SER F 52 12.26 -14.96 32.13
CA SER F 52 11.72 -13.63 32.35
C SER F 52 11.04 -13.10 31.10
N ALA F 53 11.54 -13.46 29.92
CA ALA F 53 10.93 -12.97 28.68
C ALA F 53 9.58 -13.64 28.43
N THR F 54 9.47 -14.93 28.75
CA THR F 54 8.22 -15.64 28.51
C THR F 54 7.07 -15.03 29.29
N LYS F 55 7.36 -14.50 30.48
CA LYS F 55 6.32 -13.95 31.34
C LYS F 55 5.79 -12.61 30.85
N ARG F 56 6.38 -12.03 29.80
CA ARG F 56 5.91 -10.77 29.25
C ARG F 56 5.18 -10.93 27.91
N TRP F 57 4.90 -12.17 27.49
CA TRP F 57 4.09 -12.43 26.31
C TRP F 57 2.84 -13.19 26.72
N GLY F 58 1.69 -12.78 26.19
CA GLY F 58 0.42 -13.35 26.60
C GLY F 58 -0.50 -13.54 25.42
N PHE F 59 -1.49 -14.41 25.59
CA PHE F 59 -2.39 -14.77 24.52
C PHE F 59 -3.74 -14.08 24.68
N ARG F 60 -4.31 -13.63 23.57
CA ARG F 60 -5.59 -12.95 23.55
C ARG F 60 -6.28 -13.24 22.23
N SER F 61 -7.59 -13.06 22.23
CA SER F 61 -8.41 -13.26 21.05
C SER F 61 -9.33 -12.07 20.86
N GLY F 62 -9.61 -11.74 19.60
CA GLY F 62 -10.50 -10.65 19.25
C GLY F 62 -9.82 -9.37 18.83
N VAL F 63 -8.50 -9.36 18.68
CA VAL F 63 -7.76 -8.18 18.26
C VAL F 63 -6.96 -8.55 17.01
N PRO F 64 -7.15 -7.87 15.88
CA PRO F 64 -6.40 -8.22 14.68
C PRO F 64 -4.96 -7.75 14.75
N PRO F 65 -4.03 -8.48 14.15
CA PRO F 65 -2.63 -8.03 14.15
C PRO F 65 -2.44 -6.76 13.33
N LYS F 66 -1.34 -6.07 13.60
CA LYS F 66 -0.94 -4.89 12.85
C LYS F 66 0.58 -4.91 12.66
N VAL F 67 1.03 -4.25 11.59
CA VAL F 67 2.46 -4.20 11.25
C VAL F 67 2.79 -2.79 10.77
N VAL F 68 3.99 -2.33 11.13
CA VAL F 68 4.49 -1.03 10.72
C VAL F 68 5.93 -1.18 10.28
N ASN F 69 6.38 -0.29 9.40
CA ASN F 69 7.73 -0.37 8.84
C ASN F 69 8.70 0.51 9.61
N TYR F 70 9.93 0.02 9.78
CA TYR F 70 11.00 0.81 10.36
C TYR F 70 12.28 0.59 9.55
N GLU F 71 13.03 1.66 9.34
CA GLU F 71 14.11 1.66 8.36
C GLU F 71 15.47 1.34 8.93
N ALA F 72 15.77 1.79 10.15
CA ALA F 72 17.04 1.54 10.79
C ALA F 72 16.82 0.89 12.15
N GLY F 73 17.83 0.17 12.62
CA GLY F 73 17.70 -0.58 13.85
C GLY F 73 18.97 -0.62 14.67
N GLU F 74 19.11 -1.65 15.50
CA GLU F 74 20.21 -1.76 16.43
C GLU F 74 20.60 -3.22 16.58
N TRP F 75 21.85 -3.46 16.93
CA TRP F 75 22.31 -4.81 17.22
C TRP F 75 21.62 -5.33 18.48
N ALA F 76 21.25 -6.60 18.46
CA ALA F 76 20.61 -7.24 19.60
C ALA F 76 21.52 -8.30 20.19
N GLU F 77 21.74 -8.21 21.51
CA GLU F 77 22.54 -9.21 22.19
C GLU F 77 21.79 -10.52 22.36
N ASN F 78 20.46 -10.46 22.48
CA ASN F 78 19.64 -11.66 22.61
C ASN F 78 18.42 -11.53 21.71
N CYS F 79 18.11 -12.62 21.00
CA CYS F 79 16.92 -12.73 20.18
C CYS F 79 16.26 -14.07 20.45
N TYR F 80 14.96 -14.16 20.17
CA TYR F 80 14.16 -15.31 20.53
C TYR F 80 13.51 -15.93 19.31
N ASN F 81 13.27 -17.25 19.40
CA ASN F 81 12.58 -18.01 18.37
C ASN F 81 11.66 -19.01 19.06
N LEU F 82 10.38 -18.99 18.73
CA LEU F 82 9.36 -19.71 19.49
C LEU F 82 8.67 -20.75 18.62
N GLU F 83 8.50 -21.95 19.16
CA GLU F 83 7.80 -23.04 18.48
C GLU F 83 6.88 -23.78 19.45
N ILE F 84 6.09 -23.02 20.22
CA ILE F 84 5.24 -23.60 21.25
C ILE F 84 4.09 -24.36 20.58
N LYS F 85 3.58 -25.37 21.28
CA LYS F 85 2.49 -26.20 20.77
C LYS F 85 1.47 -26.46 21.86
N LYS F 86 0.23 -26.70 21.45
CA LYS F 86 -0.79 -27.15 22.38
C LYS F 86 -0.53 -28.61 22.74
N PRO F 87 -1.11 -29.10 23.83
CA PRO F 87 -0.88 -30.49 24.22
C PRO F 87 -1.27 -31.50 23.15
N ASP F 88 -2.24 -31.17 22.31
CA ASP F 88 -2.72 -32.12 21.29
C ASP F 88 -1.84 -32.18 20.06
N GLY F 89 -0.81 -31.34 19.97
CA GLY F 89 0.07 -31.31 18.83
C GLY F 89 -0.18 -30.18 17.86
N SER F 90 -1.27 -29.44 18.01
CA SER F 90 -1.57 -28.33 17.12
C SER F 90 -0.59 -27.18 17.36
N GLU F 91 -0.28 -26.43 16.29
CA GLU F 91 0.59 -25.29 16.41
C GLU F 91 -0.18 -24.09 16.94
N CYS F 92 0.38 -23.41 17.94
CA CYS F 92 -0.32 -22.28 18.56
C CYS F 92 -0.15 -21.01 17.74
N LEU F 93 1.06 -20.67 17.39
CA LEU F 93 1.31 -19.37 16.79
C LEU F 93 1.03 -19.39 15.30
N PRO F 94 0.72 -18.23 14.72
CA PRO F 94 0.46 -18.17 13.28
C PRO F 94 1.72 -18.38 12.46
N ALA F 95 1.54 -18.86 11.24
CA ALA F 95 2.65 -18.99 10.31
C ALA F 95 3.04 -17.63 9.76
N ALA F 96 4.32 -17.46 9.49
CA ALA F 96 4.83 -16.14 9.10
C ALA F 96 4.30 -15.76 7.72
N PRO F 97 3.67 -14.60 7.57
CA PRO F 97 3.27 -14.15 6.23
C PRO F 97 4.47 -13.77 5.39
N ASP F 98 4.28 -13.79 4.07
CA ASP F 98 5.36 -13.46 3.15
C ASP F 98 5.86 -12.05 3.41
N GLY F 99 7.18 -11.88 3.41
CA GLY F 99 7.81 -10.60 3.61
C GLY F 99 8.40 -10.39 4.99
N ILE F 100 8.11 -11.26 5.94
CA ILE F 100 8.65 -11.18 7.29
C ILE F 100 9.69 -12.29 7.43
N ARG F 101 10.97 -11.91 7.51
CA ARG F 101 12.03 -12.90 7.54
C ARG F 101 12.56 -13.15 8.93
N GLY F 102 13.04 -12.10 9.60
CA GLY F 102 13.64 -12.27 10.90
C GLY F 102 14.64 -11.18 11.19
N PHE F 103 15.00 -11.00 12.46
CA PHE F 103 15.90 -9.92 12.82
C PHE F 103 17.26 -10.16 12.18
N PRO F 104 17.85 -9.16 11.51
CA PRO F 104 19.08 -9.41 10.77
C PRO F 104 20.30 -9.66 11.64
N ARG F 105 20.39 -9.04 12.81
CA ARG F 105 21.63 -9.04 13.59
C ARG F 105 21.31 -9.45 15.03
N CYS F 106 21.83 -10.61 15.43
CA CYS F 106 21.72 -11.09 16.80
C CYS F 106 23.01 -11.83 17.16
N ARG F 107 23.56 -11.50 18.33
CA ARG F 107 24.74 -12.22 18.80
C ARG F 107 24.37 -13.61 19.32
N TYR F 108 23.19 -13.75 19.92
CA TYR F 108 22.72 -15.02 20.44
C TYR F 108 21.25 -15.16 20.11
N VAL F 109 20.81 -16.38 19.82
CA VAL F 109 19.43 -16.67 19.47
C VAL F 109 18.94 -17.79 20.36
N HIS F 110 17.95 -17.48 21.21
CA HIS F 110 17.30 -18.47 22.05
C HIS F 110 16.13 -19.08 21.29
N LYS F 111 16.11 -20.40 21.16
CA LYS F 111 15.01 -21.11 20.53
C LYS F 111 14.24 -21.85 21.63
N VAL F 112 12.95 -21.56 21.74
CA VAL F 112 12.10 -22.12 22.79
C VAL F 112 11.06 -22.99 22.12
N SER F 113 10.99 -24.25 22.54
CA SER F 113 10.01 -25.20 22.05
C SER F 113 9.43 -25.96 23.24
N GLY F 114 8.13 -26.17 23.23
CA GLY F 114 7.51 -26.85 24.35
C GLY F 114 6.06 -27.14 24.06
N THR F 115 5.35 -27.53 25.12
CA THR F 115 3.95 -27.93 25.04
C THR F 115 3.10 -27.16 26.05
N GLY F 116 3.44 -25.91 26.29
CA GLY F 116 2.65 -25.06 27.15
C GLY F 116 1.34 -24.71 26.50
N PRO F 117 0.24 -24.72 27.26
CA PRO F 117 -1.07 -24.48 26.65
C PRO F 117 -1.34 -23.01 26.34
N CYS F 118 -1.39 -22.67 25.06
CA CYS F 118 -1.88 -21.36 24.66
C CYS F 118 -3.39 -21.30 24.82
N ALA F 119 -3.90 -20.09 25.03
CA ALA F 119 -5.31 -19.88 25.34
C ALA F 119 -5.87 -18.70 24.56
N GLY F 120 -5.48 -18.58 23.29
CA GLY F 120 -5.98 -17.49 22.49
C GLY F 120 -5.57 -17.63 21.04
N ASP F 121 -5.93 -16.62 20.26
CA ASP F 121 -5.65 -16.65 18.83
C ASP F 121 -4.24 -16.16 18.51
N PHE F 122 -3.74 -15.17 19.24
CA PHE F 122 -2.46 -14.55 18.95
C PHE F 122 -1.73 -14.27 20.24
N ALA F 123 -0.41 -14.10 20.14
CA ALA F 123 0.44 -13.74 21.27
C ALA F 123 0.82 -12.28 21.16
N PHE F 124 0.53 -11.50 22.20
CA PHE F 124 0.83 -10.08 22.25
C PHE F 124 1.88 -9.79 23.31
N HIS F 125 2.24 -8.52 23.42
CA HIS F 125 3.20 -8.04 24.42
C HIS F 125 2.44 -7.34 25.53
N LYS F 126 2.65 -7.78 26.77
CA LYS F 126 1.85 -7.29 27.89
C LYS F 126 2.22 -5.87 28.29
N GLU F 127 3.42 -5.40 27.95
CA GLU F 127 3.86 -4.06 28.29
C GLU F 127 3.76 -3.09 27.12
N GLY F 128 3.18 -3.52 25.99
CA GLY F 128 2.94 -2.64 24.88
C GLY F 128 4.03 -2.55 23.84
N ALA F 129 5.17 -3.19 24.07
CA ALA F 129 6.27 -3.11 23.12
C ALA F 129 5.95 -3.91 21.85
N PHE F 130 6.67 -3.59 20.79
CA PHE F 130 6.53 -4.29 19.52
C PHE F 130 7.49 -5.48 19.47
N PHE F 131 7.22 -6.36 18.51
CA PHE F 131 8.16 -7.41 18.13
C PHE F 131 8.78 -7.03 16.80
N LEU F 132 10.12 -6.99 16.76
CA LEU F 132 10.85 -6.46 15.61
C LEU F 132 11.39 -7.58 14.75
N TYR F 133 10.98 -7.60 13.49
CA TYR F 133 11.49 -8.47 12.45
C TYR F 133 12.44 -7.68 11.55
N ASP F 134 12.84 -8.29 10.43
CA ASP F 134 13.91 -7.72 9.61
C ASP F 134 13.79 -6.21 9.47
N ARG F 135 12.67 -5.73 8.94
CA ARG F 135 12.42 -4.29 8.95
C ARG F 135 10.95 -3.97 9.19
N LEU F 136 10.14 -4.95 9.59
CA LEU F 136 8.73 -4.75 9.88
C LEU F 136 8.48 -5.02 11.36
N ALA F 137 7.94 -4.03 12.05
CA ALA F 137 7.56 -4.18 13.45
C ALA F 137 6.12 -4.67 13.52
N SER F 138 5.89 -5.64 14.41
CA SER F 138 4.60 -6.30 14.53
C SER F 138 4.16 -6.35 15.97
N THR F 139 2.85 -6.48 16.16
CA THR F 139 2.27 -6.62 17.49
C THR F 139 2.05 -8.08 17.89
N VAL F 140 2.45 -9.04 17.05
CA VAL F 140 2.17 -10.45 17.28
C VAL F 140 3.42 -11.27 17.00
N ILE F 141 3.49 -12.44 17.63
CA ILE F 141 4.59 -13.37 17.42
C ILE F 141 4.22 -14.32 16.29
N TYR F 142 5.16 -14.56 15.38
CA TYR F 142 4.97 -15.49 14.28
C TYR F 142 5.90 -16.69 14.48
N ARG F 143 5.42 -17.87 14.10
CA ARG F 143 6.11 -19.10 14.39
C ARG F 143 7.41 -19.22 13.61
N GLY F 144 8.48 -19.58 14.30
CA GLY F 144 9.72 -19.95 13.66
C GLY F 144 10.60 -18.81 13.21
N THR F 145 10.18 -17.56 13.41
CA THR F 145 10.93 -16.41 12.93
C THR F 145 11.55 -15.68 14.11
N THR F 146 12.84 -15.37 13.99
CA THR F 146 13.55 -14.67 15.04
C THR F 146 13.03 -13.24 15.18
N PHE F 147 12.85 -12.80 16.42
CA PHE F 147 12.36 -11.46 16.71
C PHE F 147 13.12 -10.88 17.89
N ALA F 148 13.16 -9.55 17.94
CA ALA F 148 13.77 -8.82 19.04
C ALA F 148 12.78 -7.81 19.59
N GLU F 149 12.68 -7.74 20.91
CA GLU F 149 11.74 -6.83 21.54
C GLU F 149 12.28 -5.41 21.44
N GLY F 150 11.45 -4.48 20.99
CA GLY F 150 11.91 -3.13 20.81
C GLY F 150 10.77 -2.18 20.57
N VAL F 151 11.14 -0.92 20.37
CA VAL F 151 10.20 0.18 20.16
C VAL F 151 10.68 1.00 18.98
N VAL F 152 9.79 1.83 18.46
CA VAL F 152 10.05 2.60 17.24
C VAL F 152 10.04 4.08 17.55
N ALA F 153 10.89 4.84 16.85
CA ALA F 153 10.98 6.28 16.98
C ALA F 153 11.09 6.93 15.61
N PHE F 154 10.61 8.16 15.50
CA PHE F 154 10.64 8.93 14.26
C PHE F 154 11.49 10.17 14.44
N LEU F 155 12.27 10.50 13.41
CA LEU F 155 13.26 11.57 13.49
C LEU F 155 13.25 12.40 12.23
N ILE F 156 13.63 13.67 12.38
CA ILE F 156 14.03 14.52 11.26
C ILE F 156 15.53 14.72 11.38
N LEU F 157 16.29 14.16 10.45
CA LEU F 157 17.73 14.20 10.52
C LEU F 157 18.28 15.49 9.94
N PRO F 158 19.50 15.88 10.31
CA PRO F 158 20.08 17.11 9.78
C PRO F 158 20.57 16.93 8.35
N GLN F 159 20.53 18.02 7.58
CA GLN F 159 21.10 18.02 6.24
C GLN F 159 22.62 18.12 6.33
N ALA F 160 23.33 17.18 5.72
CA ALA F 160 24.77 17.13 5.82
C ALA F 160 25.35 16.47 4.57
N LYS F 161 26.65 16.68 4.37
CA LYS F 161 27.34 16.03 3.26
C LYS F 161 27.53 14.54 3.51
N LYS F 162 27.55 14.11 4.76
CA LYS F 162 27.67 12.70 5.12
C LYS F 162 26.43 12.30 5.91
N ASP F 163 25.86 11.16 5.55
CA ASP F 163 24.61 10.74 6.17
C ASP F 163 24.80 10.52 7.67
N PHE F 164 23.71 10.72 8.41
CA PHE F 164 23.74 10.50 9.86
C PHE F 164 24.15 9.06 10.16
N PHE F 165 23.64 8.10 9.40
CA PHE F 165 23.93 6.68 9.61
C PHE F 165 25.15 6.27 8.76
N SER F 166 26.26 6.97 8.98
CA SER F 166 27.50 6.64 8.30
C SER F 166 28.71 6.77 9.22
N SER F 167 28.52 6.79 10.54
CA SER F 167 29.59 7.08 11.48
C SER F 167 30.38 5.82 11.80
N HIS F 168 31.70 5.91 11.64
CA HIS F 168 32.64 4.87 12.02
C HIS F 168 32.19 3.49 11.57
N PRO F 169 32.03 3.25 10.26
CA PRO F 169 31.60 1.94 9.75
C PRO F 169 32.72 0.90 9.82
N THR F 187 25.79 -17.49 17.94
CA THR F 187 25.55 -18.65 18.78
C THR F 187 24.07 -18.82 19.05
N THR F 188 23.68 -20.00 19.54
CA THR F 188 22.29 -20.28 19.83
C THR F 188 22.21 -21.36 20.91
N ILE F 189 21.09 -21.38 21.63
CA ILE F 189 20.85 -22.35 22.68
C ILE F 189 19.39 -22.75 22.66
N ARG F 190 19.12 -24.00 23.00
CA ARG F 190 17.77 -24.56 22.98
C ARG F 190 17.34 -24.89 24.41
N TYR F 191 16.10 -24.54 24.73
CA TYR F 191 15.54 -24.78 26.06
C TYR F 191 14.09 -25.19 25.92
N GLN F 192 13.62 -26.00 26.87
CA GLN F 192 12.23 -26.45 26.87
C GLN F 192 11.33 -25.43 27.55
N ALA F 193 10.03 -25.64 27.43
CA ALA F 193 9.04 -24.73 28.00
C ALA F 193 7.79 -25.52 28.35
N THR F 194 6.99 -24.95 29.24
CA THR F 194 5.74 -25.58 29.66
C THR F 194 4.85 -24.58 30.40
#